data_9C0V
#
_entry.id   9C0V
#
_cell.length_a   241.491
_cell.length_b   241.491
_cell.length_c   241.491
_cell.angle_alpha   90.00
_cell.angle_beta   90.00
_cell.angle_gamma   90.00
#
_symmetry.space_group_name_H-M   'I 21 3'
#
loop_
_entity.id
_entity.type
_entity.pdbx_description
1 polymer Hemagglutinin
2 polymer 'Antibody 3E1 Fab heavy chain'
3 polymer 'Antibody 3E1 Fab light chain'
4 branched beta-D-mannopyranose-(1-4)-2-acetamido-2-deoxy-beta-D-glucopyranose-(1-4)-2-acetamido-2-deoxy-beta-D-glucopyranose
5 non-polymer 2-acetamido-2-deoxy-beta-D-glucopyranose
#
loop_
_entity_poly.entity_id
_entity_poly.type
_entity_poly.pdbx_seq_one_letter_code
_entity_poly.pdbx_strand_id
1 'polypeptide(L)'
;GDTLCIGYHANNSTDTVDTVLEKNVTVTHSVNLLEDKHNGKLCDLDGVKPLILRDCSVAGWLLGNPMCDEFINVPEWSYI
VEKANPVNDLCYPGDFNDYEELKHLLSRINHFEKIQIIPKSSWSSHEASLGVSSACPYQGKSSFFRNVVWLIKKNSTYPT
IKRSYNNTNQEDLLVLWGIHHPNDAAEQTKLYQNPTTYISVGTSTLNQRLVPRIATRSKVNGQSGRMEFFWTILKPNDAI
NFESNGNFIAPEYAYKIVKKGDSTIMKSELEYGNCNTTCQTPKGAINTSLPFQNIHPITIGKCPKYVKSTKLRLATGLRN
VPSIQSRGLFGAIAGFIEGGWTGMVDGWYGYHHQNEQGSGYAADLKSTQNAIDGITNKVNSVIEKMNTQFTAVGKEFNHL
EKRIENLNKKVDDGFLDIWTYNAELLVLLENERTLDYHDSNVKNLYEKVRSQLKNNAKEIGNGCFEFYHKCDNTCMESVK
NGTYDYPKYSEEAKLNREEIDSGRLVPRGSPGSGYIPEAPRDGQAYVRKDGEWVLLSTFLG
;
A,B
2 'polypeptide(L)'
;QVQLQESGPGLVKPSETLSLTCSVSGASISSYYWIWIRQPAGKGLEWIGRFYTSGSPNYNPSLRSRVTMSVDTSKNQFSL
KLTSVTAADTAVYYCAREEHITFGGVIVRYWGQGTLVTVSSASTKGPSVFPLAPSSKSTSGGTAALGCLVKDYFPEPVTV
SWNSGALTSGVHTFPAVLQSSGLYSLSSVVTVPSSSLGTQTYICNVNHKPSNTKVDKRVEPKSC
;
H
3 'polypeptide(L)'
;DIQMTQSPATLSASVGDRVSITCRASQSISSWLAWYQQKPGKAPKLLIYKASSLESGVPSRFSGSGSGSEFTLTISSLQP
DDFAIYYCQQYNSYPWTFGQGTKVEIKRTVAAPSVFIFPPSDEQLKSGTASVVCLLNNFYPREAKVQWKVDNALQSGNSQ
ESVTEQDSKDSTYSLSSTLTLSKADYEKHKVYACEVTHQGLSSPVTKSFNRGEC
;
L
#
loop_
_chem_comp.id
_chem_comp.type
_chem_comp.name
_chem_comp.formula
BMA D-saccharide, beta linking beta-D-mannopyranose 'C6 H12 O6'
NAG D-saccharide, beta linking 2-acetamido-2-deoxy-beta-D-glucopyranose 'C8 H15 N O6'
#
# COMPACT_ATOMS: atom_id res chain seq x y z
N GLY A 1 -14.52 0.27 -52.12
CA GLY A 1 -15.53 -0.31 -51.25
C GLY A 1 -15.15 -0.29 -49.79
N ASP A 2 -16.15 -0.12 -48.91
CA ASP A 2 -15.89 -0.08 -47.47
C ASP A 2 -15.34 -1.43 -47.00
N THR A 3 -14.37 -1.36 -46.07
CA THR A 3 -13.73 -2.56 -45.56
C THR A 3 -13.73 -2.54 -44.03
N LEU A 4 -13.67 -3.75 -43.47
CA LEU A 4 -13.49 -3.96 -42.03
C LEU A 4 -12.41 -5.01 -41.84
N CYS A 5 -11.48 -4.75 -40.93
CA CYS A 5 -10.37 -5.65 -40.66
C CYS A 5 -10.37 -6.06 -39.19
N ILE A 6 -9.73 -7.20 -38.93
CA ILE A 6 -9.62 -7.75 -37.58
C ILE A 6 -8.13 -7.89 -37.25
N GLY A 7 -7.76 -7.49 -36.04
CA GLY A 7 -6.37 -7.57 -35.66
C GLY A 7 -6.22 -7.59 -34.16
N TYR A 8 -4.96 -7.63 -33.73
CA TYR A 8 -4.63 -7.76 -32.32
C TYR A 8 -3.72 -6.61 -31.88
N HIS A 9 -3.65 -6.45 -30.56
CA HIS A 9 -2.89 -5.37 -29.95
C HIS A 9 -1.38 -5.54 -30.14
N ALA A 10 -0.67 -4.41 -30.11
CA ALA A 10 0.82 -4.43 -30.20
C ALA A 10 1.34 -3.17 -29.50
N ASN A 11 2.21 -3.33 -28.50
CA ASN A 11 2.67 -2.14 -27.73
C ASN A 11 4.20 -2.15 -27.60
N ASN A 12 4.79 -0.99 -27.32
CA ASN A 12 6.26 -0.88 -27.20
C ASN A 12 6.68 -1.51 -25.87
N SER A 13 6.77 -2.84 -25.83
CA SER A 13 7.19 -3.53 -24.58
C SER A 13 8.37 -4.45 -24.88
N THR A 14 9.48 -4.28 -24.16
CA THR A 14 10.62 -5.17 -24.33
C THR A 14 10.54 -6.41 -23.46
N ASP A 15 9.38 -6.71 -22.90
CA ASP A 15 9.22 -7.94 -22.13
C ASP A 15 9.51 -9.15 -22.99
N THR A 16 10.30 -10.09 -22.47
CA THR A 16 10.67 -11.30 -23.19
C THR A 16 10.30 -12.52 -22.34
N VAL A 17 9.57 -13.45 -22.93
CA VAL A 17 9.08 -14.63 -22.24
C VAL A 17 9.39 -15.84 -23.12
N ASP A 18 9.66 -16.99 -22.48
CA ASP A 18 10.19 -18.15 -23.16
C ASP A 18 9.09 -19.20 -23.41
N THR A 19 8.78 -19.44 -24.68
CA THR A 19 7.88 -20.52 -25.05
C THR A 19 8.64 -21.83 -25.16
N VAL A 20 7.95 -22.88 -25.60
CA VAL A 20 8.63 -24.13 -25.89
C VAL A 20 9.34 -24.02 -27.24
N LEU A 21 8.60 -23.67 -28.28
CA LEU A 21 9.18 -23.67 -29.63
C LEU A 21 10.17 -22.54 -29.83
N GLU A 22 10.06 -21.46 -29.08
CA GLU A 22 10.89 -20.29 -29.29
C GLU A 22 11.25 -19.69 -27.95
N LYS A 23 12.50 -19.21 -27.84
CA LYS A 23 12.94 -18.58 -26.57
C LYS A 23 13.12 -17.08 -26.79
N ASN A 24 12.88 -16.26 -25.76
CA ASN A 24 13.11 -14.80 -25.88
C ASN A 24 12.20 -14.24 -26.98
N VAL A 25 10.88 -14.19 -26.73
CA VAL A 25 9.94 -13.59 -27.72
C VAL A 25 9.27 -12.37 -27.07
N THR A 26 9.21 -11.25 -27.79
CA THR A 26 8.62 -10.00 -27.24
C THR A 26 7.13 -10.21 -26.97
N VAL A 27 6.69 -10.02 -25.72
CA VAL A 27 5.28 -10.15 -25.39
C VAL A 27 4.76 -8.82 -24.88
N THR A 28 3.52 -8.49 -25.23
CA THR A 28 2.91 -7.22 -24.84
C THR A 28 2.94 -7.02 -23.32
N HIS A 29 2.40 -7.97 -22.57
CA HIS A 29 2.28 -7.87 -21.12
C HIS A 29 2.69 -9.19 -20.50
N SER A 30 3.58 -9.13 -19.50
CA SER A 30 4.04 -10.30 -18.78
C SER A 30 3.86 -10.07 -17.29
N VAL A 31 4.07 -11.13 -16.52
CA VAL A 31 3.99 -11.07 -15.06
C VAL A 31 5.17 -11.86 -14.51
N ASN A 32 5.99 -11.21 -13.67
CA ASN A 32 7.16 -11.86 -13.09
C ASN A 32 6.78 -12.59 -11.80
N LEU A 33 7.49 -13.68 -11.53
CA LEU A 33 7.26 -14.48 -10.34
C LEU A 33 8.48 -14.59 -9.43
N LEU A 34 9.63 -14.10 -9.89
CA LEU A 34 10.88 -14.24 -9.09
C LEU A 34 11.22 -12.91 -8.42
N GLU A 35 11.79 -12.96 -7.21
CA GLU A 35 12.18 -11.73 -6.47
C GLU A 35 13.59 -11.85 -5.94
N ASP A 36 14.55 -11.19 -6.60
CA ASP A 36 15.95 -11.21 -6.14
C ASP A 36 16.27 -9.81 -5.61
N LYS A 37 15.55 -8.81 -6.11
CA LYS A 37 15.85 -7.40 -5.72
C LYS A 37 15.89 -7.15 -4.22
N HIS A 38 15.17 -7.94 -3.42
CA HIS A 38 15.14 -7.64 -1.96
C HIS A 38 16.17 -8.49 -1.23
N ASN A 39 17.43 -8.45 -1.69
CA ASN A 39 18.51 -9.19 -1.00
C ASN A 39 18.53 -8.76 0.47
N GLY A 40 18.24 -7.49 0.75
CA GLY A 40 18.18 -7.00 2.14
C GLY A 40 19.50 -6.44 2.63
N LYS A 41 20.50 -7.30 2.87
CA LYS A 41 21.81 -6.86 3.43
C LYS A 41 21.61 -6.38 4.86
N LEU A 42 20.51 -6.77 5.50
CA LEU A 42 20.23 -6.39 6.92
C LEU A 42 19.28 -7.43 7.54
N CYS A 43 19.49 -7.76 8.82
CA CYS A 43 18.66 -8.80 9.47
C CYS A 43 17.68 -8.10 10.43
N ASP A 44 16.50 -7.74 9.94
CA ASP A 44 15.49 -7.04 10.74
C ASP A 44 14.74 -8.03 11.63
N LEU A 45 13.66 -7.58 12.27
CA LEU A 45 12.85 -8.46 13.13
C LEU A 45 11.91 -9.26 12.25
N ASP A 46 11.55 -10.47 12.67
CA ASP A 46 10.57 -11.26 11.89
C ASP A 46 9.33 -11.45 12.77
N GLY A 47 8.45 -10.45 12.81
CA GLY A 47 7.23 -10.52 13.64
C GLY A 47 7.56 -10.25 15.09
N VAL A 48 8.86 -10.31 15.45
CA VAL A 48 9.30 -10.06 16.85
C VAL A 48 10.84 -10.04 16.84
N LYS A 49 11.46 -9.62 17.94
CA LYS A 49 12.95 -9.50 17.98
C LYS A 49 13.62 -10.84 17.74
N PRO A 50 14.86 -10.89 17.21
CA PRO A 50 15.60 -12.14 17.07
C PRO A 50 16.59 -12.32 18.21
N LEU A 51 17.43 -13.36 18.13
CA LEU A 51 18.49 -13.51 19.14
C LEU A 51 19.77 -13.01 18.47
N ILE A 52 20.60 -12.24 19.16
CA ILE A 52 21.87 -11.86 18.46
C ILE A 52 22.91 -12.68 19.25
N LEU A 53 23.91 -13.23 18.57
CA LEU A 53 24.94 -14.05 19.25
C LEU A 53 26.32 -13.40 19.05
N ARG A 54 26.38 -12.26 18.34
CA ARG A 54 27.67 -11.57 18.16
C ARG A 54 28.77 -12.59 17.88
N ASP A 55 29.80 -12.63 18.71
CA ASP A 55 30.96 -13.53 18.45
C ASP A 55 30.96 -14.71 19.41
N CYS A 56 29.78 -15.18 19.82
CA CYS A 56 29.72 -16.35 20.72
C CYS A 56 29.04 -17.52 19.99
N SER A 57 29.58 -18.72 20.15
CA SER A 57 28.97 -19.92 19.53
C SER A 57 27.70 -20.28 20.29
N VAL A 58 26.83 -21.08 19.68
CA VAL A 58 25.63 -21.55 20.43
C VAL A 58 26.14 -22.30 21.66
N ALA A 59 27.17 -23.12 21.47
CA ALA A 59 27.68 -23.92 22.59
C ALA A 59 28.11 -22.98 23.72
N GLY A 60 28.76 -21.89 23.36
CA GLY A 60 29.24 -20.97 24.40
C GLY A 60 28.08 -20.32 25.10
N TRP A 61 27.05 -19.96 24.33
CA TRP A 61 25.88 -19.27 24.91
C TRP A 61 25.15 -20.21 25.87
N LEU A 62 25.15 -21.51 25.55
CA LEU A 62 24.42 -22.48 26.40
C LEU A 62 25.30 -22.94 27.55
N LEU A 63 26.62 -23.02 27.32
CA LEU A 63 27.55 -23.52 28.37
C LEU A 63 28.01 -22.35 29.24
N GLY A 64 27.58 -21.13 28.91
CA GLY A 64 27.93 -19.97 29.75
C GLY A 64 29.43 -19.69 29.72
N ASN A 65 29.98 -19.49 28.53
CA ASN A 65 31.42 -19.12 28.41
C ASN A 65 31.61 -17.75 29.04
N PRO A 66 32.64 -17.55 29.88
CA PRO A 66 32.79 -16.27 30.56
C PRO A 66 32.66 -15.11 29.58
N MET A 67 33.15 -15.30 28.36
CA MET A 67 33.02 -14.23 27.33
C MET A 67 31.60 -14.32 26.76
N CYS A 68 30.99 -13.16 26.55
CA CYS A 68 29.62 -13.14 26.00
C CYS A 68 28.67 -13.75 27.03
N ASP A 69 28.96 -13.52 28.32
CA ASP A 69 27.99 -13.92 29.37
C ASP A 69 26.87 -12.89 29.31
N GLU A 70 26.97 -11.95 28.36
CA GLU A 70 25.89 -10.95 28.13
C GLU A 70 24.65 -11.67 27.60
N PHE A 71 24.77 -12.98 27.38
CA PHE A 71 23.64 -13.78 26.83
C PHE A 71 23.15 -14.78 27.88
N ILE A 72 23.07 -14.35 29.14
CA ILE A 72 22.57 -15.24 30.22
C ILE A 72 21.10 -14.91 30.44
N ASN A 73 20.76 -13.62 30.41
CA ASN A 73 19.34 -13.21 30.53
C ASN A 73 18.70 -13.35 29.15
N VAL A 74 18.56 -14.58 28.67
CA VAL A 74 18.05 -14.82 27.29
C VAL A 74 16.70 -14.13 27.12
N PRO A 75 16.47 -13.32 26.05
CA PRO A 75 15.15 -12.75 25.82
C PRO A 75 14.16 -13.88 25.52
N GLU A 76 12.87 -13.59 25.56
CA GLU A 76 11.83 -14.63 25.34
C GLU A 76 11.72 -14.99 23.84
N TRP A 77 12.55 -14.37 23.00
CA TRP A 77 12.45 -14.62 21.53
C TRP A 77 13.83 -14.96 20.97
N SER A 78 13.90 -15.87 19.98
CA SER A 78 15.23 -16.30 19.50
C SER A 78 15.19 -16.92 18.10
N TYR A 79 15.54 -16.14 17.07
CA TYR A 79 15.75 -16.74 15.72
C TYR A 79 17.27 -16.70 15.61
N ILE A 80 17.93 -17.86 15.66
CA ILE A 80 19.42 -17.91 15.77
C ILE A 80 20.15 -17.07 14.72
N VAL A 81 21.00 -16.15 15.16
CA VAL A 81 21.90 -15.38 14.24
C VAL A 81 23.29 -15.72 14.75
N GLU A 82 23.98 -16.68 14.11
CA GLU A 82 25.25 -17.20 14.68
C GLU A 82 26.16 -16.85 13.51
N LYS A 83 27.47 -16.78 13.74
CA LYS A 83 28.41 -16.55 12.62
C LYS A 83 29.29 -17.79 12.48
N ALA A 84 29.88 -17.99 11.31
CA ALA A 84 30.74 -19.18 11.08
C ALA A 84 32.06 -18.89 11.78
N ASN A 85 32.52 -19.85 12.58
CA ASN A 85 33.79 -19.65 13.33
C ASN A 85 33.64 -18.46 14.29
N PRO A 86 32.90 -18.59 15.42
CA PRO A 86 32.81 -17.52 16.40
C PRO A 86 34.12 -17.41 17.21
N VAL A 87 34.42 -16.21 17.70
CA VAL A 87 35.69 -15.99 18.45
C VAL A 87 35.62 -16.75 19.78
N ASN A 88 34.52 -16.57 20.51
CA ASN A 88 34.41 -17.21 21.85
C ASN A 88 33.46 -18.41 21.76
N ASP A 89 34.03 -19.62 21.72
CA ASP A 89 33.20 -20.86 21.62
C ASP A 89 33.45 -21.69 22.88
N LEU A 90 34.03 -22.88 22.71
CA LEU A 90 34.34 -23.77 23.86
C LEU A 90 35.76 -23.46 24.33
N CYS A 91 35.96 -22.32 24.98
CA CYS A 91 37.31 -21.92 25.45
C CYS A 91 38.13 -23.16 25.78
N TYR A 92 37.90 -23.76 26.95
CA TYR A 92 38.73 -24.93 27.32
C TYR A 92 38.59 -25.93 26.17
N PRO A 93 39.68 -26.29 25.49
CA PRO A 93 39.60 -27.16 24.34
C PRO A 93 38.60 -28.31 24.53
N GLY A 94 37.69 -28.49 23.57
CA GLY A 94 36.72 -29.61 23.67
C GLY A 94 35.75 -29.63 22.50
N ASP A 95 34.89 -30.67 22.45
CA ASP A 95 33.87 -30.77 21.39
C ASP A 95 32.52 -31.12 22.04
N PHE A 96 31.42 -30.80 21.38
CA PHE A 96 30.08 -31.07 21.95
C PHE A 96 29.46 -32.28 21.26
N ASN A 97 29.12 -33.31 22.05
CA ASN A 97 28.52 -34.54 21.47
C ASN A 97 27.19 -34.19 20.82
N ASP A 98 26.93 -34.73 19.62
CA ASP A 98 25.64 -34.49 18.93
C ASP A 98 25.38 -32.98 18.92
N TYR A 99 26.38 -32.19 18.54
CA TYR A 99 26.24 -30.72 18.60
C TYR A 99 25.12 -30.26 17.65
N GLU A 100 25.08 -30.81 16.44
CA GLU A 100 24.09 -30.30 15.45
C GLU A 100 22.68 -30.78 15.80
N GLU A 101 22.56 -31.93 16.46
CA GLU A 101 21.21 -32.39 16.89
C GLU A 101 20.64 -31.33 17.83
N LEU A 102 21.44 -30.89 18.79
CA LEU A 102 20.99 -29.82 19.72
C LEU A 102 20.56 -28.64 18.86
N LYS A 103 21.38 -28.31 17.87
CA LYS A 103 21.06 -27.15 16.98
C LYS A 103 19.68 -27.37 16.37
N HIS A 104 19.39 -28.59 15.93
CA HIS A 104 18.11 -28.85 15.23
C HIS A 104 16.93 -28.65 16.20
N LEU A 105 17.08 -29.16 17.42
CA LEU A 105 16.01 -28.97 18.43
C LEU A 105 15.80 -27.46 18.62
N LEU A 106 16.89 -26.70 18.64
CA LEU A 106 16.80 -25.23 18.85
C LEU A 106 15.97 -24.62 17.72
N SER A 107 15.93 -25.27 16.56
CA SER A 107 15.09 -24.76 15.46
C SER A 107 13.65 -24.66 15.96
N ARG A 108 13.18 -25.68 16.67
CA ARG A 108 11.80 -25.61 17.23
C ARG A 108 11.77 -24.67 18.43
N ILE A 109 12.71 -24.77 19.37
CA ILE A 109 12.66 -23.96 20.62
C ILE A 109 12.78 -22.46 20.28
N ASN A 110 12.15 -21.60 21.09
CA ASN A 110 12.19 -20.14 20.85
C ASN A 110 12.56 -19.39 22.13
N HIS A 111 12.37 -20.00 23.31
CA HIS A 111 12.80 -19.36 24.59
C HIS A 111 13.16 -20.42 25.62
N PHE A 112 13.98 -20.04 26.61
CA PHE A 112 14.47 -21.02 27.62
C PHE A 112 14.36 -20.43 29.02
N GLU A 113 14.48 -21.27 30.05
CA GLU A 113 14.49 -20.77 31.45
C GLU A 113 15.56 -21.53 32.24
N LYS A 114 16.64 -20.86 32.63
CA LYS A 114 17.67 -21.54 33.46
C LYS A 114 17.00 -21.99 34.77
N ILE A 115 17.08 -23.29 35.07
CA ILE A 115 16.47 -23.82 36.32
C ILE A 115 17.16 -23.19 37.53
N GLN A 116 18.48 -22.94 37.45
CA GLN A 116 19.21 -22.44 38.63
C GLN A 116 18.87 -23.32 39.83
N ILE A 117 18.47 -24.58 39.59
CA ILE A 117 18.08 -25.50 40.70
C ILE A 117 18.97 -26.74 40.67
N ILE A 118 19.48 -27.13 39.48
CA ILE A 118 20.44 -28.27 39.43
C ILE A 118 21.33 -28.16 40.67
N PRO A 119 21.51 -29.21 41.50
CA PRO A 119 22.22 -29.13 42.77
C PRO A 119 22.65 -27.70 43.12
N LYS A 120 23.96 -27.39 43.07
CA LYS A 120 24.47 -26.02 43.34
C LYS A 120 25.98 -26.08 43.59
N SER A 121 26.64 -24.92 43.64
CA SER A 121 28.09 -24.89 43.97
C SER A 121 28.26 -25.05 45.47
N SER A 122 27.28 -24.59 46.26
CA SER A 122 27.35 -24.75 47.73
C SER A 122 27.61 -26.22 48.05
N TRP A 123 26.88 -27.13 47.41
CA TRP A 123 27.17 -28.57 47.60
C TRP A 123 28.70 -28.60 47.55
N SER A 124 29.33 -29.12 48.61
CA SER A 124 30.80 -29.24 48.63
C SER A 124 31.06 -30.49 49.49
N SER A 125 30.10 -31.41 49.52
CA SER A 125 30.24 -32.59 50.40
C SER A 125 31.49 -33.39 50.03
N HIS A 126 31.69 -33.70 48.75
CA HIS A 126 32.83 -34.57 48.36
C HIS A 126 33.85 -33.86 47.47
N GLU A 127 33.48 -32.70 46.92
CA GLU A 127 34.40 -32.07 45.95
C GLU A 127 34.65 -30.61 46.31
N ALA A 128 35.60 -29.98 45.62
CA ALA A 128 35.84 -28.53 45.83
C ALA A 128 35.16 -27.77 44.71
N SER A 129 34.30 -26.81 45.06
CA SER A 129 33.62 -25.97 44.04
C SER A 129 34.50 -24.75 43.76
N LEU A 130 35.78 -24.97 43.44
CA LEU A 130 36.74 -23.89 43.14
C LEU A 130 37.81 -24.46 42.20
N GLY A 131 37.44 -24.73 40.95
CA GLY A 131 38.40 -25.30 39.97
C GLY A 131 38.50 -24.48 38.70
N VAL A 132 38.39 -23.15 38.79
CA VAL A 132 38.41 -22.30 37.58
C VAL A 132 39.69 -22.59 36.80
N SER A 133 39.68 -22.37 35.48
CA SER A 133 40.85 -22.73 34.64
C SER A 133 41.57 -21.48 34.16
N SER A 134 42.85 -21.62 33.78
CA SER A 134 43.61 -20.47 33.21
C SER A 134 43.12 -20.09 31.82
N ALA A 135 42.14 -20.83 31.30
CA ALA A 135 41.59 -20.53 29.93
C ALA A 135 40.19 -19.96 30.28
N CYS A 136 39.28 -20.00 29.30
CA CYS A 136 37.92 -19.44 29.52
C CYS A 136 38.05 -18.11 30.25
N PRO A 137 38.71 -17.09 29.70
CA PRO A 137 38.97 -15.86 30.45
C PRO A 137 37.74 -14.95 30.49
N TYR A 138 37.33 -14.52 31.69
CA TYR A 138 36.18 -13.58 31.81
C TYR A 138 36.72 -12.15 31.67
N GLN A 139 36.56 -11.54 30.49
CA GLN A 139 37.10 -10.18 30.26
C GLN A 139 38.59 -10.18 30.60
N GLY A 140 39.30 -11.26 30.27
CA GLY A 140 40.75 -11.34 30.53
C GLY A 140 41.06 -11.93 31.90
N LYS A 141 40.04 -12.43 32.61
CA LYS A 141 40.25 -13.02 33.95
C LYS A 141 39.96 -14.53 33.91
N SER A 142 40.97 -15.36 34.19
CA SER A 142 40.79 -16.84 34.09
C SER A 142 39.49 -17.26 34.79
N SER A 143 38.60 -17.94 34.06
CA SER A 143 37.30 -18.39 34.64
C SER A 143 36.88 -19.70 33.97
N PHE A 144 35.62 -20.11 34.15
CA PHE A 144 35.14 -21.37 33.55
C PHE A 144 33.64 -21.25 33.23
N PHE A 145 33.12 -22.17 32.39
CA PHE A 145 31.68 -22.18 32.07
C PHE A 145 30.86 -22.11 33.36
N ARG A 146 29.94 -21.14 33.46
CA ARG A 146 29.16 -20.95 34.70
C ARG A 146 28.17 -22.11 34.88
N ASN A 147 27.51 -22.54 33.80
CA ASN A 147 26.46 -23.60 33.91
C ASN A 147 27.01 -24.94 34.44
N VAL A 148 28.17 -25.37 33.94
CA VAL A 148 28.78 -26.65 34.42
C VAL A 148 29.75 -26.29 35.55
N VAL A 149 30.27 -27.29 36.27
CA VAL A 149 31.16 -27.01 37.44
C VAL A 149 32.45 -27.83 37.38
N TRP A 150 33.59 -27.20 37.68
CA TRP A 150 34.89 -27.93 37.72
C TRP A 150 34.99 -28.73 39.02
N LEU A 151 34.39 -29.92 39.08
CA LEU A 151 34.51 -30.78 40.29
C LEU A 151 35.98 -31.18 40.48
N ILE A 152 36.45 -31.25 41.73
CA ILE A 152 37.87 -31.61 42.00
C ILE A 152 37.95 -32.32 43.35
N LYS A 153 38.94 -33.20 43.54
CA LYS A 153 39.04 -33.97 44.81
C LYS A 153 39.09 -32.99 45.99
N LYS A 154 38.56 -33.40 47.14
CA LYS A 154 38.62 -32.54 48.36
C LYS A 154 39.80 -32.55 49.32
N ASN A 155 40.02 -33.66 50.03
CA ASN A 155 41.13 -33.75 51.01
C ASN A 155 41.80 -35.01 50.44
N SER A 156 42.55 -34.85 49.34
CA SER A 156 43.28 -36.00 48.74
C SER A 156 42.35 -37.20 48.68
N THR A 157 41.04 -36.97 48.48
CA THR A 157 40.04 -38.07 48.52
C THR A 157 38.91 -37.63 47.59
N TYR A 158 38.57 -38.45 46.59
CA TYR A 158 37.43 -38.13 45.70
C TYR A 158 36.42 -39.28 45.74
N PRO A 159 35.55 -39.33 46.77
CA PRO A 159 34.57 -40.40 46.88
C PRO A 159 33.50 -40.31 45.78
N THR A 160 33.15 -41.46 45.18
CA THR A 160 32.18 -41.46 44.05
C THR A 160 30.87 -40.79 44.45
N ILE A 161 30.34 -39.89 43.62
CA ILE A 161 29.11 -39.18 44.09
C ILE A 161 27.92 -39.74 43.30
N LYS A 162 26.91 -40.27 43.98
CA LYS A 162 25.69 -40.77 43.30
C LYS A 162 24.57 -39.75 43.44
N ARG A 163 24.85 -38.47 43.12
CA ARG A 163 23.76 -37.46 43.16
C ARG A 163 22.82 -37.71 41.99
N SER A 164 21.55 -37.32 42.13
CA SER A 164 20.57 -37.51 41.04
C SER A 164 19.49 -36.44 41.15
N TYR A 165 18.85 -36.08 40.03
CA TYR A 165 17.83 -35.00 40.07
C TYR A 165 16.67 -35.33 39.13
N ASN A 166 15.45 -35.09 39.57
CA ASN A 166 14.25 -35.26 38.70
C ASN A 166 13.52 -33.93 38.76
N ASN A 167 13.43 -33.22 37.64
CA ASN A 167 12.85 -31.85 37.69
C ASN A 167 11.48 -31.86 38.36
N THR A 168 10.60 -32.80 37.96
CA THR A 168 9.21 -32.77 38.48
C THR A 168 8.57 -31.45 38.06
N ASN A 169 9.26 -30.69 37.20
CA ASN A 169 8.70 -29.41 36.68
C ASN A 169 7.68 -29.75 35.60
N GLN A 170 7.15 -28.73 34.91
CA GLN A 170 6.10 -28.99 33.90
C GLN A 170 6.71 -28.88 32.50
N GLU A 171 7.95 -28.40 32.43
CA GLU A 171 8.62 -28.23 31.11
C GLU A 171 9.80 -29.20 31.01
N ASP A 172 10.26 -29.47 29.79
CA ASP A 172 11.39 -30.43 29.59
C ASP A 172 12.69 -29.74 29.97
N LEU A 173 13.79 -30.48 30.04
CA LEU A 173 15.07 -29.88 30.49
C LEU A 173 16.17 -30.10 29.46
N LEU A 174 17.19 -29.26 29.47
CA LEU A 174 18.35 -29.44 28.55
C LEU A 174 19.60 -29.59 29.42
N VAL A 175 19.66 -30.65 30.22
CA VAL A 175 20.81 -30.84 31.17
C VAL A 175 22.09 -30.95 30.34
N LEU A 176 23.20 -30.43 30.88
CA LEU A 176 24.50 -30.48 30.18
C LEU A 176 25.58 -30.95 31.17
N TRP A 177 26.57 -31.72 30.73
CA TRP A 177 27.69 -32.12 31.63
C TRP A 177 28.93 -32.33 30.77
N GLY A 178 30.05 -32.74 31.39
CA GLY A 178 31.30 -32.88 30.63
C GLY A 178 32.27 -33.89 31.23
N ILE A 179 33.28 -34.30 30.45
CA ILE A 179 34.35 -35.22 30.96
C ILE A 179 35.68 -34.51 30.73
N HIS A 180 36.56 -34.50 31.74
CA HIS A 180 37.91 -33.91 31.52
C HIS A 180 38.88 -35.00 31.09
N HIS A 181 39.47 -34.84 29.90
CA HIS A 181 40.49 -35.83 29.44
C HIS A 181 41.87 -35.23 29.74
N PRO A 182 42.53 -35.63 30.84
CA PRO A 182 43.80 -35.02 31.23
C PRO A 182 44.94 -35.43 30.29
N ASN A 183 46.14 -34.88 30.52
CA ASN A 183 47.31 -35.24 29.69
C ASN A 183 48.13 -36.31 30.41
N ASP A 184 48.26 -36.21 31.74
CA ASP A 184 49.10 -37.15 32.51
C ASP A 184 48.26 -37.87 33.57
N ALA A 185 48.63 -39.10 33.93
CA ALA A 185 47.96 -39.77 35.07
C ALA A 185 48.25 -38.94 36.31
N ALA A 186 49.45 -38.37 36.35
CA ALA A 186 49.83 -37.51 37.49
C ALA A 186 48.81 -36.37 37.55
N GLU A 187 48.54 -35.75 36.41
CA GLU A 187 47.54 -34.67 36.37
C GLU A 187 46.23 -35.24 36.88
N GLN A 188 45.84 -36.41 36.38
CA GLN A 188 44.54 -36.99 36.80
C GLN A 188 44.54 -37.12 38.33
N THR A 189 45.63 -37.63 38.90
CA THR A 189 45.67 -37.84 40.36
C THR A 189 45.59 -36.49 41.07
N LYS A 190 46.24 -35.46 40.51
CA LYS A 190 46.25 -34.13 41.14
C LYS A 190 44.81 -33.64 41.28
N LEU A 191 44.01 -33.86 40.25
CA LEU A 191 42.60 -33.42 40.27
C LEU A 191 41.75 -34.48 40.96
N TYR A 192 41.94 -35.75 40.60
CA TYR A 192 41.14 -36.86 41.18
C TYR A 192 42.10 -37.99 41.51
N GLN A 193 42.42 -38.19 42.78
CA GLN A 193 43.47 -39.20 43.15
C GLN A 193 43.09 -40.60 42.68
N ASN A 194 41.83 -40.81 42.30
CA ASN A 194 41.43 -42.13 41.76
C ASN A 194 41.88 -42.23 40.29
N PRO A 195 42.64 -43.25 39.85
CA PRO A 195 42.98 -43.39 38.43
C PRO A 195 41.91 -44.18 37.66
N THR A 196 42.06 -44.29 36.33
CA THR A 196 41.09 -45.08 35.51
C THR A 196 39.68 -44.85 36.04
N THR A 197 39.17 -43.61 35.95
CA THR A 197 37.85 -43.29 36.54
C THR A 197 36.70 -43.62 35.58
N TYR A 198 35.47 -43.62 36.07
CA TYR A 198 34.27 -43.87 35.23
C TYR A 198 33.23 -42.78 35.49
N ILE A 199 32.34 -42.54 34.53
CA ILE A 199 31.26 -41.53 34.69
C ILE A 199 29.95 -42.17 34.21
N SER A 200 28.98 -42.33 35.10
CA SER A 200 27.76 -43.04 34.67
C SER A 200 26.60 -42.06 34.58
N VAL A 201 25.98 -41.93 33.41
CA VAL A 201 24.78 -41.05 33.28
C VAL A 201 23.54 -41.95 33.24
N GLY A 202 22.71 -41.92 34.30
CA GLY A 202 21.54 -42.81 34.37
C GLY A 202 20.23 -42.05 34.24
N THR A 203 19.60 -42.10 33.07
CA THR A 203 18.29 -41.44 32.86
C THR A 203 17.21 -42.52 32.66
N SER A 204 15.97 -42.10 32.39
CA SER A 204 14.86 -43.07 32.16
C SER A 204 15.00 -43.68 30.77
N THR A 205 15.53 -42.92 29.80
CA THR A 205 15.65 -43.41 28.41
C THR A 205 17.10 -43.73 28.03
N LEU A 206 18.06 -42.89 28.43
CA LEU A 206 19.46 -43.10 27.96
C LEU A 206 20.42 -43.34 29.13
N ASN A 207 21.18 -44.44 29.09
CA ASN A 207 22.21 -44.69 30.13
C ASN A 207 23.56 -44.93 29.45
N GLN A 208 24.49 -43.99 29.63
CA GLN A 208 25.82 -44.10 28.97
C GLN A 208 26.92 -44.00 30.03
N ARG A 209 27.80 -44.99 30.08
CA ARG A 209 28.95 -44.92 31.02
C ARG A 209 30.16 -44.44 30.21
N LEU A 210 30.86 -43.41 30.69
CA LEU A 210 31.96 -42.84 29.87
C LEU A 210 33.29 -42.91 30.63
N VAL A 211 34.39 -43.15 29.92
CA VAL A 211 35.73 -43.26 30.55
C VAL A 211 36.66 -42.24 29.89
N PRO A 212 37.38 -41.41 30.66
CA PRO A 212 38.24 -40.36 30.09
C PRO A 212 39.48 -40.92 29.38
N ARG A 213 39.83 -40.36 28.22
CA ARG A 213 41.03 -40.81 27.49
C ARG A 213 42.24 -39.98 27.92
N ILE A 214 43.04 -40.51 28.85
CA ILE A 214 44.24 -39.80 29.35
C ILE A 214 45.32 -39.82 28.26
N ALA A 215 45.62 -38.65 27.69
CA ALA A 215 46.65 -38.56 26.62
C ALA A 215 47.00 -37.10 26.39
N THR A 216 48.29 -36.77 26.30
CA THR A 216 48.70 -35.39 25.99
C THR A 216 48.37 -35.09 24.52
N ARG A 217 47.83 -33.91 24.24
CA ARG A 217 47.50 -33.52 22.84
C ARG A 217 48.15 -32.18 22.52
N SER A 218 47.60 -31.46 21.54
CA SER A 218 48.18 -30.15 21.15
C SER A 218 47.80 -29.10 22.19
N LYS A 219 48.66 -28.09 22.39
CA LYS A 219 48.39 -27.04 23.40
C LYS A 219 47.39 -26.05 22.84
N VAL A 220 46.23 -25.90 23.49
CA VAL A 220 45.22 -24.90 23.05
C VAL A 220 44.87 -24.04 24.26
N ASN A 221 44.93 -22.73 24.11
CA ASN A 221 44.65 -21.86 25.27
C ASN A 221 45.51 -22.35 26.44
N GLY A 222 46.74 -22.79 26.16
CA GLY A 222 47.68 -23.19 27.22
C GLY A 222 47.36 -24.53 27.84
N GLN A 223 46.41 -25.26 27.28
CA GLN A 223 46.02 -26.55 27.92
C GLN A 223 45.82 -27.60 26.84
N SER A 224 46.50 -28.76 26.96
CA SER A 224 46.32 -29.86 25.98
C SER A 224 45.27 -30.84 26.49
N GLY A 225 44.80 -30.67 27.72
CA GLY A 225 43.69 -31.51 28.20
C GLY A 225 42.41 -31.13 27.47
N ARG A 226 41.45 -32.04 27.34
CA ARG A 226 40.24 -31.73 26.54
C ARG A 226 39.10 -31.99 27.50
N MET A 227 37.90 -31.53 27.13
CA MET A 227 36.68 -31.80 27.92
C MET A 227 35.54 -32.09 26.94
N GLU A 228 34.94 -33.27 27.03
CA GLU A 228 33.81 -33.58 26.12
C GLU A 228 32.56 -33.02 26.79
N PHE A 229 31.66 -32.42 26.02
CA PHE A 229 30.40 -31.91 26.61
C PHE A 229 29.23 -32.76 26.10
N PHE A 230 28.45 -33.33 27.02
CA PHE A 230 27.28 -34.16 26.64
C PHE A 230 26.00 -33.41 27.00
N TRP A 231 24.87 -33.80 26.38
CA TRP A 231 23.57 -33.17 26.69
C TRP A 231 22.46 -34.22 26.60
N THR A 232 21.34 -34.00 27.29
CA THR A 232 20.15 -34.89 27.17
C THR A 232 18.90 -34.05 27.44
N ILE A 233 17.75 -34.47 26.91
CA ILE A 233 16.49 -33.73 27.22
C ILE A 233 15.78 -34.49 28.34
N LEU A 234 15.80 -33.93 29.56
CA LEU A 234 15.10 -34.58 30.71
C LEU A 234 13.64 -34.16 30.68
N LYS A 235 12.74 -35.13 30.53
CA LYS A 235 11.28 -34.81 30.45
C LYS A 235 10.81 -34.37 31.83
N PRO A 236 9.63 -33.72 31.97
CA PRO A 236 9.09 -33.41 33.30
C PRO A 236 8.86 -34.75 33.98
N ASN A 237 9.31 -34.89 35.24
CA ASN A 237 9.11 -36.15 36.01
C ASN A 237 10.10 -37.23 35.55
N ASP A 238 11.07 -36.87 34.70
CA ASP A 238 12.13 -37.84 34.31
C ASP A 238 13.34 -37.59 35.21
N ALA A 239 14.16 -38.61 35.48
CA ALA A 239 15.27 -38.43 36.43
C ALA A 239 16.62 -38.64 35.73
N ILE A 240 17.71 -38.21 36.37
CA ILE A 240 19.06 -38.39 35.78
C ILE A 240 19.94 -38.69 36.99
N ASN A 241 20.61 -39.84 36.99
CA ASN A 241 21.51 -40.19 38.11
C ASN A 241 22.95 -40.07 37.62
N PHE A 242 23.78 -39.29 38.33
CA PHE A 242 25.20 -39.19 37.95
C PHE A 242 26.04 -39.97 38.96
N GLU A 243 26.86 -40.90 38.49
CA GLU A 243 27.78 -41.62 39.42
C GLU A 243 29.18 -41.58 38.80
N SER A 244 30.11 -40.82 39.40
CA SER A 244 31.43 -40.67 38.75
C SER A 244 32.63 -41.06 39.62
N ASN A 245 33.47 -41.96 39.13
CA ASN A 245 34.73 -42.29 39.84
C ASN A 245 35.57 -40.99 39.95
N GLY A 246 35.77 -40.35 38.81
CA GLY A 246 36.48 -39.05 38.78
C GLY A 246 36.37 -38.45 37.39
N ASN A 247 37.07 -37.33 37.15
CA ASN A 247 37.06 -36.67 35.81
C ASN A 247 35.65 -36.18 35.49
N PHE A 248 34.87 -35.81 36.50
CA PHE A 248 33.47 -35.42 36.22
C PHE A 248 33.31 -33.90 36.23
N ILE A 249 32.64 -33.36 35.22
CA ILE A 249 32.34 -31.90 35.23
C ILE A 249 30.82 -31.78 35.36
N ALA A 250 30.31 -31.89 36.59
CA ALA A 250 28.84 -31.87 36.82
C ALA A 250 28.27 -30.48 36.52
N PRO A 251 26.99 -30.37 36.10
CA PRO A 251 26.37 -29.07 35.85
C PRO A 251 25.83 -28.39 37.11
N GLU A 252 25.37 -27.15 36.96
CA GLU A 252 24.75 -26.42 38.10
C GLU A 252 23.48 -25.74 37.55
N TYR A 253 23.42 -25.59 36.22
CA TYR A 253 22.22 -24.98 35.61
C TYR A 253 21.76 -25.85 34.44
N ALA A 254 20.51 -25.66 34.01
CA ALA A 254 19.94 -26.42 32.88
C ALA A 254 18.90 -25.51 32.24
N TYR A 255 18.21 -25.96 31.20
CA TYR A 255 17.29 -25.00 30.54
C TYR A 255 15.87 -25.55 30.44
N LYS A 256 14.91 -24.83 31.03
CA LYS A 256 13.49 -25.25 30.88
C LYS A 256 13.01 -24.74 29.52
N ILE A 257 12.40 -25.63 28.72
CA ILE A 257 11.91 -25.22 27.37
C ILE A 257 10.63 -24.39 27.55
N VAL A 258 10.78 -23.07 27.62
CA VAL A 258 9.61 -22.16 27.83
C VAL A 258 8.74 -22.18 26.56
N LYS A 259 9.37 -22.00 25.39
CA LYS A 259 8.60 -21.94 24.13
C LYS A 259 9.25 -22.83 23.06
N LYS A 260 8.46 -23.69 22.41
CA LYS A 260 9.00 -24.53 21.29
C LYS A 260 8.24 -24.13 20.02
N GLY A 261 8.42 -22.88 19.57
CA GLY A 261 7.71 -22.36 18.39
C GLY A 261 8.39 -22.76 17.10
N ASP A 262 8.65 -21.78 16.22
CA ASP A 262 9.34 -22.05 14.94
C ASP A 262 10.53 -21.10 14.81
N SER A 263 11.75 -21.65 14.75
CA SER A 263 12.97 -20.82 14.61
C SER A 263 13.97 -21.52 13.70
N THR A 264 15.05 -20.82 13.33
CA THR A 264 16.14 -21.44 12.53
C THR A 264 17.48 -20.97 13.08
N ILE A 265 18.59 -21.56 12.62
CA ILE A 265 19.94 -21.20 13.12
C ILE A 265 20.71 -20.47 12.02
N MET A 266 19.99 -19.77 11.14
CA MET A 266 20.66 -19.11 9.98
C MET A 266 22.00 -18.51 10.40
N LYS A 267 23.10 -18.92 9.75
CA LYS A 267 24.35 -18.19 10.13
C LYS A 267 24.48 -16.93 9.28
N SER A 268 24.67 -15.77 9.93
CA SER A 268 24.78 -14.48 9.21
C SER A 268 25.90 -13.63 9.81
N GLU A 269 26.94 -13.33 9.02
CA GLU A 269 28.06 -12.49 9.52
C GLU A 269 27.56 -11.04 9.61
N LEU A 270 26.34 -10.78 9.13
CA LEU A 270 25.76 -9.41 9.17
C LEU A 270 25.45 -9.06 10.63
N GLU A 271 25.39 -7.76 10.94
CA GLU A 271 25.03 -7.32 12.31
C GLU A 271 23.61 -6.74 12.28
N TYR A 272 22.95 -6.61 13.42
CA TYR A 272 21.56 -6.11 13.48
C TYR A 272 21.50 -4.69 12.88
N GLY A 273 20.32 -4.27 12.40
CA GLY A 273 20.18 -2.92 11.83
C GLY A 273 18.78 -2.36 11.98
N ASN A 274 17.97 -2.91 12.90
CA ASN A 274 16.60 -2.42 13.14
C ASN A 274 15.17 -2.13 12.64
N CYS A 275 14.77 -2.76 11.52
CA CYS A 275 13.44 -2.55 10.90
C CYS A 275 12.78 -3.92 11.20
N ASN A 276 11.74 -4.31 10.44
CA ASN A 276 11.04 -5.57 10.81
C ASN A 276 10.11 -6.10 9.71
N THR A 277 10.51 -7.15 8.99
CA THR A 277 9.60 -7.86 8.04
C THR A 277 9.04 -9.26 8.27
N THR A 278 8.25 -9.77 7.32
CA THR A 278 7.72 -11.16 7.42
C THR A 278 8.67 -12.14 6.75
N CYS A 279 9.90 -11.70 6.42
CA CYS A 279 10.86 -12.58 5.70
C CYS A 279 12.29 -12.30 6.18
N GLN A 280 13.06 -13.35 6.47
CA GLN A 280 14.49 -13.12 6.78
C GLN A 280 15.45 -14.13 6.17
N THR A 281 16.60 -13.67 5.68
CA THR A 281 17.61 -14.56 5.05
C THR A 281 18.99 -14.19 5.62
N PRO A 282 20.00 -15.06 5.61
CA PRO A 282 21.31 -14.70 6.12
C PRO A 282 21.87 -13.54 5.29
N LYS A 283 21.32 -13.32 4.10
CA LYS A 283 21.76 -12.18 3.26
C LYS A 283 20.92 -10.95 3.61
N GLY A 284 19.65 -11.14 3.96
CA GLY A 284 18.84 -9.99 4.39
C GLY A 284 17.37 -10.27 4.59
N ALA A 285 16.51 -9.29 4.32
CA ALA A 285 15.08 -9.40 4.56
C ALA A 285 14.34 -8.86 3.33
N ILE A 286 13.30 -9.61 2.96
CA ILE A 286 12.57 -9.30 1.70
C ILE A 286 11.36 -8.45 2.03
N ASN A 287 10.86 -7.70 1.05
CA ASN A 287 9.73 -6.79 1.32
C ASN A 287 8.56 -7.15 0.40
N THR A 288 8.75 -7.09 -0.92
CA THR A 288 7.59 -7.35 -1.80
C THR A 288 7.16 -8.81 -1.66
N SER A 289 5.92 -9.10 -2.03
CA SER A 289 5.39 -10.46 -1.84
C SER A 289 5.10 -11.15 -3.17
N LEU A 290 6.14 -11.68 -3.82
CA LEU A 290 5.91 -12.46 -5.03
C LEU A 290 5.94 -13.92 -4.62
N PRO A 291 5.65 -14.89 -5.51
CA PRO A 291 5.59 -16.27 -5.04
C PRO A 291 6.93 -16.98 -4.96
N PHE A 292 8.00 -16.44 -5.56
CA PHE A 292 9.25 -17.19 -5.61
C PHE A 292 10.45 -16.28 -5.41
N GLN A 293 11.56 -16.91 -5.04
CA GLN A 293 12.72 -16.22 -4.47
C GLN A 293 13.99 -16.94 -4.91
N ASN A 294 14.97 -16.16 -5.39
CA ASN A 294 16.29 -16.68 -5.71
C ASN A 294 17.36 -16.01 -4.86
N ILE A 295 17.00 -15.56 -3.65
CA ILE A 295 17.97 -14.91 -2.77
C ILE A 295 18.70 -15.95 -1.94
N HIS A 296 17.97 -16.69 -1.11
CA HIS A 296 18.61 -17.67 -0.25
C HIS A 296 17.63 -18.79 0.07
N PRO A 297 18.10 -20.03 0.28
CA PRO A 297 17.18 -21.12 0.61
C PRO A 297 16.73 -21.15 2.06
N ILE A 298 17.44 -20.43 2.94
CA ILE A 298 17.06 -20.42 4.38
C ILE A 298 16.19 -19.20 4.65
N THR A 299 14.90 -19.41 4.89
CA THR A 299 13.96 -18.28 5.11
C THR A 299 13.16 -18.49 6.40
N ILE A 300 12.61 -17.40 6.95
CA ILE A 300 11.79 -17.48 8.20
C ILE A 300 10.51 -16.67 8.00
N GLY A 301 9.35 -17.26 8.30
CA GLY A 301 8.06 -16.54 8.17
C GLY A 301 7.47 -16.68 6.79
N LYS A 302 6.58 -15.75 6.41
CA LYS A 302 5.90 -15.82 5.09
C LYS A 302 6.90 -15.41 4.00
N CYS A 303 7.65 -16.37 3.46
CA CYS A 303 8.71 -16.04 2.46
C CYS A 303 8.42 -16.75 1.13
N PRO A 304 8.75 -16.14 -0.03
CA PRO A 304 8.56 -16.80 -1.33
C PRO A 304 9.41 -18.08 -1.42
N LYS A 305 8.84 -19.15 -2.00
CA LYS A 305 9.57 -20.44 -2.12
C LYS A 305 10.90 -20.20 -2.82
N TYR A 306 12.00 -20.76 -2.28
CA TYR A 306 13.31 -20.56 -2.89
C TYR A 306 13.43 -21.32 -4.20
N VAL A 307 14.02 -20.68 -5.21
CA VAL A 307 14.22 -21.27 -6.53
C VAL A 307 15.62 -20.93 -7.00
N LYS A 308 16.27 -21.88 -7.68
CA LYS A 308 17.62 -21.71 -8.22
C LYS A 308 17.65 -21.22 -9.66
N SER A 309 16.74 -20.35 -10.11
CA SER A 309 16.75 -19.90 -11.49
C SER A 309 16.85 -18.38 -11.55
N THR A 310 17.08 -17.88 -12.76
CA THR A 310 17.32 -16.46 -12.99
C THR A 310 16.07 -15.71 -13.46
N LYS A 311 15.27 -16.30 -14.35
CA LYS A 311 14.05 -15.64 -14.80
C LYS A 311 12.89 -16.62 -14.84
N LEU A 312 11.70 -16.14 -14.47
CA LEU A 312 10.44 -16.88 -14.41
C LEU A 312 9.29 -15.90 -14.70
N ARG A 313 9.15 -15.51 -15.97
CA ARG A 313 8.06 -14.64 -16.40
C ARG A 313 6.99 -15.47 -17.09
N LEU A 314 5.74 -15.20 -16.75
CA LEU A 314 4.59 -15.77 -17.44
C LEU A 314 4.06 -14.75 -18.44
N ALA A 315 3.91 -15.18 -19.69
CA ALA A 315 3.26 -14.35 -20.68
C ALA A 315 1.79 -14.18 -20.32
N THR A 316 1.37 -12.92 -20.20
CA THR A 316 -0.02 -12.60 -19.96
C THR A 316 -0.67 -11.87 -21.13
N GLY A 317 0.08 -11.60 -22.20
CA GLY A 317 -0.48 -10.87 -23.31
C GLY A 317 -0.14 -11.45 -24.66
N LEU A 318 -0.21 -10.61 -25.69
CA LEU A 318 -0.01 -11.01 -27.07
C LEU A 318 1.48 -11.06 -27.41
N ARG A 319 1.80 -11.81 -28.45
CA ARG A 319 3.09 -11.62 -29.10
C ARG A 319 3.13 -10.20 -29.63
N ASN A 320 4.05 -9.39 -29.12
CA ASN A 320 4.21 -8.04 -29.66
C ASN A 320 4.94 -8.18 -30.99
N VAL A 321 4.27 -7.82 -32.07
CA VAL A 321 4.88 -7.82 -33.40
C VAL A 321 4.29 -6.58 -34.09
N PRO A 322 4.96 -5.44 -33.96
CA PRO A 322 4.45 -4.20 -34.58
C PRO A 322 4.76 -4.28 -36.07
N SER A 323 4.22 -3.30 -36.78
CA SER A 323 4.25 -3.18 -38.26
C SER A 323 4.96 -4.29 -39.03
N ILE B 337 -3.45 -13.71 -40.28
CA ILE B 337 -3.14 -12.42 -39.68
C ILE B 337 -1.79 -12.45 -38.98
N GLU B 338 -0.84 -11.68 -39.50
CA GLU B 338 0.45 -11.50 -38.85
C GLU B 338 0.78 -10.01 -38.79
N GLY B 339 -0.10 -9.26 -38.15
CA GLY B 339 0.09 -7.85 -37.92
C GLY B 339 -0.46 -7.40 -36.59
N GLY B 340 0.40 -6.84 -35.74
CA GLY B 340 -0.04 -6.29 -34.48
C GLY B 340 -0.29 -4.81 -34.63
N TRP B 341 -1.46 -4.36 -34.16
CA TRP B 341 -1.85 -2.97 -34.26
C TRP B 341 -1.41 -2.22 -33.02
N THR B 342 -0.58 -1.20 -33.21
CA THR B 342 -0.25 -0.30 -32.11
C THR B 342 -1.38 0.67 -31.81
N GLY B 343 -2.26 0.86 -32.80
CA GLY B 343 -3.39 1.79 -32.60
C GLY B 343 -4.43 1.24 -31.65
N MET B 344 -4.48 -0.07 -31.43
CA MET B 344 -5.54 -0.64 -30.58
C MET B 344 -4.94 -0.18 -29.26
N VAL B 345 -5.69 0.61 -28.50
CA VAL B 345 -5.18 1.12 -27.19
C VAL B 345 -6.33 0.56 -26.32
N ASP B 346 -7.49 0.26 -26.91
CA ASP B 346 -8.61 -0.17 -26.08
C ASP B 346 -8.50 -1.63 -25.65
N GLY B 347 -8.18 -2.53 -26.58
CA GLY B 347 -8.31 -3.95 -26.31
C GLY B 347 -7.28 -4.81 -27.01
N TRP B 348 -7.13 -6.04 -26.50
CA TRP B 348 -6.20 -7.00 -27.09
C TRP B 348 -6.66 -7.43 -28.48
N TYR B 349 -7.96 -7.39 -28.74
CA TYR B 349 -8.53 -7.88 -29.97
C TYR B 349 -9.51 -6.82 -30.46
N GLY B 350 -9.46 -6.51 -31.74
CA GLY B 350 -10.36 -5.50 -32.24
C GLY B 350 -10.48 -5.44 -33.74
N TYR B 351 -10.93 -4.29 -34.21
CA TYR B 351 -11.42 -4.10 -35.57
C TYR B 351 -10.81 -2.81 -36.11
N HIS B 352 -10.62 -2.75 -37.42
CA HIS B 352 -10.20 -1.51 -38.08
C HIS B 352 -11.12 -1.27 -39.26
N HIS B 353 -11.94 -0.23 -39.18
CA HIS B 353 -12.92 0.04 -40.22
C HIS B 353 -12.50 1.25 -41.06
N GLN B 354 -12.83 1.17 -42.36
CA GLN B 354 -12.67 2.28 -43.31
C GLN B 354 -13.96 2.39 -44.11
N ASN B 355 -14.85 3.26 -43.68
CA ASN B 355 -16.06 3.53 -44.44
C ASN B 355 -16.08 5.00 -44.86
N GLU B 356 -17.19 5.42 -45.47
CA GLU B 356 -17.33 6.82 -45.87
C GLU B 356 -17.18 7.74 -44.67
N GLN B 357 -17.73 7.34 -43.52
CA GLN B 357 -17.72 8.20 -42.34
C GLN B 357 -16.30 8.46 -41.85
N GLY B 358 -15.50 7.41 -41.76
CA GLY B 358 -14.12 7.58 -41.33
C GLY B 358 -13.39 6.27 -41.30
N SER B 359 -12.29 6.25 -40.54
CA SER B 359 -11.48 5.06 -40.35
C SER B 359 -11.05 5.01 -38.89
N GLY B 360 -11.24 3.86 -38.27
CA GLY B 360 -10.97 3.73 -36.85
C GLY B 360 -10.56 2.37 -36.34
N TYR B 361 -9.66 2.39 -35.35
CA TYR B 361 -9.35 1.24 -34.53
C TYR B 361 -10.35 1.18 -33.37
N ALA B 362 -11.00 0.02 -33.19
CA ALA B 362 -12.03 -0.13 -32.18
C ALA B 362 -11.93 -1.50 -31.55
N ALA B 363 -11.78 -1.57 -30.23
CA ALA B 363 -11.60 -2.87 -29.62
C ALA B 363 -12.94 -3.58 -29.42
N ASP B 364 -12.84 -4.84 -29.01
CA ASP B 364 -13.98 -5.66 -28.64
C ASP B 364 -13.80 -5.99 -27.16
N LEU B 365 -14.50 -5.25 -26.29
CA LEU B 365 -14.28 -5.38 -24.85
C LEU B 365 -14.56 -6.79 -24.36
N LYS B 366 -15.57 -7.46 -24.94
CA LYS B 366 -15.97 -8.78 -24.45
C LYS B 366 -14.82 -9.79 -24.58
N SER B 367 -14.24 -9.88 -25.77
CA SER B 367 -13.18 -10.85 -26.02
C SER B 367 -11.97 -10.61 -25.12
N THR B 368 -11.49 -9.37 -25.05
CA THR B 368 -10.32 -9.08 -24.24
C THR B 368 -10.61 -9.23 -22.75
N GLN B 369 -11.84 -8.93 -22.31
CA GLN B 369 -12.21 -9.14 -20.91
C GLN B 369 -12.16 -10.62 -20.55
N ASN B 370 -12.75 -11.47 -21.41
CA ASN B 370 -12.69 -12.91 -21.15
C ASN B 370 -11.27 -13.44 -21.21
N ALA B 371 -10.45 -12.87 -22.10
CA ALA B 371 -9.05 -13.26 -22.17
C ALA B 371 -8.33 -12.92 -20.87
N ILE B 372 -8.53 -11.72 -20.36
CA ILE B 372 -7.86 -11.32 -19.11
C ILE B 372 -8.36 -12.17 -17.95
N ASP B 373 -9.66 -12.48 -17.92
CA ASP B 373 -10.20 -13.33 -16.86
C ASP B 373 -9.54 -14.70 -16.90
N GLY B 374 -9.49 -15.32 -18.09
CA GLY B 374 -8.92 -16.65 -18.20
C GLY B 374 -7.44 -16.70 -17.88
N ILE B 375 -6.69 -15.67 -18.30
CA ILE B 375 -5.26 -15.68 -18.01
C ILE B 375 -4.98 -15.37 -16.54
N THR B 376 -5.81 -14.51 -15.90
CA THR B 376 -5.71 -14.35 -14.45
C THR B 376 -5.84 -15.71 -13.76
N ASN B 377 -6.89 -16.46 -14.12
CA ASN B 377 -7.10 -17.76 -13.49
C ASN B 377 -5.97 -18.73 -13.80
N LYS B 378 -5.48 -18.68 -15.05
CA LYS B 378 -4.31 -19.53 -15.42
C LYS B 378 -3.15 -19.18 -14.49
N VAL B 379 -2.80 -17.89 -14.39
CA VAL B 379 -1.64 -17.46 -13.56
C VAL B 379 -1.81 -18.02 -12.14
N ASN B 380 -3.01 -17.89 -11.57
CA ASN B 380 -3.26 -18.37 -10.19
C ASN B 380 -2.96 -19.87 -10.12
N SER B 381 -3.45 -20.64 -11.09
CA SER B 381 -3.19 -22.11 -11.11
C SER B 381 -1.69 -22.37 -11.25
N VAL B 382 -0.99 -21.58 -12.07
CA VAL B 382 0.48 -21.73 -12.22
C VAL B 382 1.12 -21.55 -10.85
N ILE B 383 0.79 -20.45 -10.16
CA ILE B 383 1.41 -20.14 -8.83
C ILE B 383 1.22 -21.36 -7.88
N GLU B 384 0.31 -22.28 -8.23
CA GLU B 384 0.05 -23.47 -7.38
C GLU B 384 1.16 -24.49 -7.59
N LYS B 385 2.41 -24.03 -7.44
CA LYS B 385 3.54 -24.98 -7.49
C LYS B 385 3.53 -25.30 -6.01
N MET B 386 3.67 -26.58 -5.65
CA MET B 386 3.63 -26.99 -4.21
C MET B 386 5.14 -27.11 -3.96
N ASN B 387 5.77 -26.04 -3.48
CA ASN B 387 7.22 -26.09 -3.15
C ASN B 387 7.37 -25.98 -1.62
N THR B 388 6.28 -26.21 -0.89
CA THR B 388 6.33 -26.15 0.60
C THR B 388 7.09 -27.37 1.14
N GLN B 389 7.30 -28.38 0.29
CA GLN B 389 8.00 -29.62 0.72
C GLN B 389 9.15 -29.26 1.66
N PHE B 390 9.07 -29.71 2.92
CA PHE B 390 10.14 -29.44 3.93
C PHE B 390 10.03 -30.43 5.08
N THR B 391 11.16 -30.78 5.70
CA THR B 391 11.13 -31.68 6.88
C THR B 391 11.58 -30.90 8.12
N ALA B 392 10.69 -30.75 9.11
CA ALA B 392 11.02 -29.99 10.33
C ALA B 392 12.19 -30.68 11.05
N VAL B 393 12.26 -32.01 10.98
CA VAL B 393 13.35 -32.78 11.66
C VAL B 393 14.16 -33.64 10.67
N ARG B 403 27.50 -40.49 7.54
CA ARG B 403 27.47 -39.76 6.23
C ARG B 403 26.08 -39.13 5.99
N ILE B 404 25.22 -39.23 7.00
CA ILE B 404 23.84 -38.81 6.81
C ILE B 404 23.72 -37.33 6.44
N GLU B 405 24.33 -36.45 7.24
CA GLU B 405 24.10 -35.05 6.91
C GLU B 405 24.48 -34.76 5.46
N ASN B 406 25.56 -35.39 5.00
CA ASN B 406 25.94 -35.26 3.60
C ASN B 406 24.85 -35.83 2.68
N LEU B 407 24.20 -36.93 3.07
CA LEU B 407 23.12 -37.45 2.26
C LEU B 407 21.92 -36.52 2.22
N ASN B 408 21.54 -35.96 3.38
CA ASN B 408 20.42 -35.01 3.38
C ASN B 408 20.85 -33.82 2.53
N LYS B 409 22.12 -33.44 2.63
CA LYS B 409 22.63 -32.29 1.83
C LYS B 409 22.45 -32.59 0.34
N LYS B 410 23.07 -33.68 -0.14
CA LYS B 410 23.00 -34.04 -1.58
C LYS B 410 21.53 -34.13 -2.00
N VAL B 411 20.70 -34.81 -1.21
CA VAL B 411 19.26 -35.00 -1.57
C VAL B 411 18.62 -33.62 -1.75
N ASP B 412 18.56 -32.82 -0.70
CA ASP B 412 17.87 -31.50 -0.79
C ASP B 412 18.35 -30.75 -2.03
N ASP B 413 19.67 -30.73 -2.27
CA ASP B 413 20.21 -29.93 -3.38
C ASP B 413 19.74 -30.47 -4.72
N GLY B 414 19.85 -31.80 -4.92
CA GLY B 414 19.45 -32.39 -6.18
C GLY B 414 17.97 -32.21 -6.48
N PHE B 415 17.13 -32.45 -5.46
CA PHE B 415 15.69 -32.19 -5.60
C PHE B 415 15.43 -30.72 -5.94
N LEU B 416 16.18 -29.80 -5.34
CA LEU B 416 16.03 -28.39 -5.69
C LEU B 416 16.26 -28.17 -7.18
N ASP B 417 17.37 -28.67 -7.71
CA ASP B 417 17.64 -28.47 -9.13
C ASP B 417 16.58 -29.13 -10.01
N ILE B 418 16.18 -30.35 -9.65
CA ILE B 418 15.13 -31.05 -10.39
C ILE B 418 13.86 -30.21 -10.46
N TRP B 419 13.44 -29.66 -9.32
CA TRP B 419 12.18 -28.92 -9.29
C TRP B 419 12.30 -27.56 -9.97
N THR B 420 13.47 -26.91 -9.91
CA THR B 420 13.65 -25.69 -10.67
C THR B 420 13.54 -25.94 -12.17
N TYR B 421 14.15 -27.03 -12.64
CA TYR B 421 13.99 -27.39 -14.05
C TYR B 421 12.52 -27.63 -14.37
N ASN B 422 11.82 -28.37 -13.50
CA ASN B 422 10.41 -28.67 -13.74
C ASN B 422 9.54 -27.42 -13.74
N ALA B 423 9.89 -26.45 -12.89
CA ALA B 423 9.11 -25.22 -12.81
C ALA B 423 9.33 -24.36 -14.05
N GLU B 424 10.59 -24.23 -14.50
CA GLU B 424 10.84 -23.56 -15.77
C GLU B 424 10.13 -24.28 -16.91
N LEU B 425 9.98 -25.61 -16.83
CA LEU B 425 9.19 -26.34 -17.81
C LEU B 425 7.73 -25.91 -17.80
N LEU B 426 7.11 -25.89 -16.61
CA LEU B 426 5.74 -25.42 -16.51
C LEU B 426 5.58 -24.03 -17.10
N VAL B 427 6.57 -23.17 -16.83
CA VAL B 427 6.52 -21.80 -17.35
C VAL B 427 6.56 -21.79 -18.86
N LEU B 428 7.50 -22.54 -19.45
CA LEU B 428 7.59 -22.62 -20.90
C LEU B 428 6.27 -23.11 -21.50
N LEU B 429 5.78 -24.23 -20.98
CA LEU B 429 4.55 -24.84 -21.45
C LEU B 429 3.42 -23.82 -21.48
N GLU B 430 3.10 -23.25 -20.31
CA GLU B 430 1.94 -22.37 -20.25
C GLU B 430 2.19 -21.00 -20.87
N ASN B 431 3.44 -20.60 -21.09
CA ASN B 431 3.68 -19.45 -21.94
C ASN B 431 3.18 -19.72 -23.35
N GLU B 432 3.61 -20.85 -23.93
CA GLU B 432 3.06 -21.23 -25.22
C GLU B 432 1.55 -21.38 -25.16
N ARG B 433 1.02 -21.90 -24.05
CA ARG B 433 -0.42 -22.16 -23.99
C ARG B 433 -1.23 -20.87 -23.98
N THR B 434 -0.78 -19.85 -23.24
CA THR B 434 -1.46 -18.56 -23.29
C THR B 434 -1.29 -17.89 -24.65
N LEU B 435 -0.12 -18.01 -25.27
CA LEU B 435 0.03 -17.40 -26.59
C LEU B 435 -0.89 -18.05 -27.62
N ASP B 436 -1.02 -19.39 -27.55
CA ASP B 436 -1.93 -20.11 -28.43
C ASP B 436 -3.37 -19.74 -28.14
N TYR B 437 -3.71 -19.59 -26.86
CA TYR B 437 -5.02 -19.09 -26.46
C TYR B 437 -5.34 -17.77 -27.13
N HIS B 438 -4.37 -16.86 -27.15
CA HIS B 438 -4.55 -15.57 -27.80
C HIS B 438 -4.84 -15.75 -29.29
N ASP B 439 -4.04 -16.59 -29.95
CA ASP B 439 -4.28 -16.92 -31.36
C ASP B 439 -5.72 -17.38 -31.57
N SER B 440 -6.18 -18.33 -30.76
CA SER B 440 -7.52 -18.87 -30.91
C SER B 440 -8.59 -17.80 -30.71
N ASN B 441 -8.35 -16.86 -29.79
CA ASN B 441 -9.31 -15.77 -29.60
C ASN B 441 -9.44 -14.93 -30.85
N VAL B 442 -8.31 -14.58 -31.48
CA VAL B 442 -8.39 -13.83 -32.73
C VAL B 442 -9.16 -14.62 -33.79
N LYS B 443 -8.87 -15.92 -33.89
CA LYS B 443 -9.59 -16.77 -34.83
C LYS B 443 -11.09 -16.71 -34.60
N ASN B 444 -11.52 -16.79 -33.33
CA ASN B 444 -12.95 -16.80 -33.03
C ASN B 444 -13.59 -15.48 -33.38
N LEU B 445 -12.91 -14.36 -33.12
CA LEU B 445 -13.43 -13.07 -33.56
C LEU B 445 -13.63 -13.05 -35.07
N TYR B 446 -12.65 -13.59 -35.80
CA TYR B 446 -12.74 -13.62 -37.26
C TYR B 446 -13.92 -14.45 -37.72
N GLU B 447 -14.19 -15.58 -37.06
CA GLU B 447 -15.34 -16.40 -37.43
C GLU B 447 -16.66 -15.69 -37.10
N LYS B 448 -16.71 -14.98 -35.98
CA LYS B 448 -17.89 -14.20 -35.65
C LYS B 448 -18.20 -13.19 -36.76
N VAL B 449 -17.16 -12.61 -37.36
CA VAL B 449 -17.43 -11.64 -38.42
C VAL B 449 -17.82 -12.34 -39.73
N ARG B 450 -17.12 -13.41 -40.10
CA ARG B 450 -17.49 -14.15 -41.31
C ARG B 450 -18.94 -14.62 -41.27
N SER B 451 -19.37 -15.18 -40.14
CA SER B 451 -20.73 -15.71 -40.02
C SER B 451 -21.77 -14.68 -40.43
N GLN B 452 -21.69 -13.48 -39.83
CA GLN B 452 -22.69 -12.45 -40.12
C GLN B 452 -22.55 -11.95 -41.54
N LEU B 453 -21.32 -11.74 -42.02
CA LEU B 453 -21.20 -11.07 -43.32
C LEU B 453 -21.63 -11.98 -44.46
N LYS B 454 -21.29 -13.27 -44.41
CA LYS B 454 -21.60 -14.23 -45.48
C LYS B 454 -21.05 -13.65 -46.80
N ASN B 455 -21.82 -13.64 -47.87
CA ASN B 455 -21.36 -13.19 -49.18
C ASN B 455 -21.59 -11.71 -49.42
N ASN B 456 -22.11 -10.97 -48.43
CA ASN B 456 -22.14 -9.52 -48.52
C ASN B 456 -20.75 -8.91 -48.45
N ALA B 457 -19.72 -9.70 -48.19
CA ALA B 457 -18.36 -9.21 -48.06
C ALA B 457 -17.39 -10.17 -48.72
N LYS B 458 -16.16 -9.70 -48.96
CA LYS B 458 -15.12 -10.55 -49.57
C LYS B 458 -13.86 -10.48 -48.69
N GLU B 459 -13.35 -11.65 -48.27
CA GLU B 459 -12.14 -11.67 -47.39
C GLU B 459 -10.94 -11.18 -48.22
N ILE B 460 -10.52 -9.93 -48.00
CA ILE B 460 -9.39 -9.35 -48.78
C ILE B 460 -8.12 -10.15 -48.49
N GLY B 461 -7.83 -10.39 -47.22
CA GLY B 461 -6.62 -11.14 -46.84
C GLY B 461 -6.39 -11.09 -45.34
N ASN B 462 -5.60 -12.02 -44.80
CA ASN B 462 -5.36 -12.09 -43.33
C ASN B 462 -6.80 -11.90 -42.81
N GLY B 463 -7.01 -10.92 -41.92
CA GLY B 463 -8.34 -10.70 -41.33
C GLY B 463 -9.18 -9.53 -41.84
N CYS B 464 -9.15 -9.27 -43.16
CA CYS B 464 -9.88 -8.08 -43.68
C CYS B 464 -11.11 -8.50 -44.50
N PHE B 465 -12.15 -7.67 -44.49
CA PHE B 465 -13.39 -7.91 -45.21
C PHE B 465 -13.70 -6.65 -45.99
N GLU B 466 -13.93 -6.79 -47.30
CA GLU B 466 -14.43 -5.68 -48.11
C GLU B 466 -15.92 -5.94 -48.31
N PHE B 467 -16.74 -5.14 -47.66
CA PHE B 467 -18.18 -5.17 -47.92
C PHE B 467 -18.46 -4.90 -49.39
N TYR B 468 -19.42 -5.63 -49.95
CA TYR B 468 -19.96 -5.25 -51.25
C TYR B 468 -20.95 -4.11 -51.13
N HIS B 469 -21.57 -3.95 -49.96
CA HIS B 469 -22.45 -2.84 -49.66
C HIS B 469 -21.69 -1.76 -48.89
N LYS B 470 -22.41 -0.73 -48.47
CA LYS B 470 -21.83 0.39 -47.73
C LYS B 470 -22.26 0.33 -46.28
N CYS B 471 -21.31 0.53 -45.37
CA CYS B 471 -21.53 0.41 -43.94
C CYS B 471 -21.29 1.75 -43.27
N ASP B 472 -22.30 2.24 -42.54
CA ASP B 472 -22.07 3.33 -41.61
C ASP B 472 -21.31 2.80 -40.39
N ASN B 473 -20.91 3.70 -39.49
CA ASN B 473 -20.48 3.20 -38.19
C ASN B 473 -21.64 2.59 -37.43
N THR B 474 -22.88 2.92 -37.81
CA THR B 474 -24.02 2.14 -37.34
C THR B 474 -23.97 0.72 -37.88
N CYS B 475 -23.75 0.57 -39.19
CA CYS B 475 -23.66 -0.75 -39.78
C CYS B 475 -22.35 -1.46 -39.45
N MET B 476 -21.33 -0.72 -39.01
CA MET B 476 -20.10 -1.33 -38.52
C MET B 476 -20.29 -1.86 -37.09
N GLU B 477 -20.75 -0.99 -36.19
CA GLU B 477 -21.02 -1.38 -34.82
C GLU B 477 -22.20 -2.34 -34.72
N SER B 478 -22.94 -2.54 -35.81
CA SER B 478 -23.86 -3.67 -35.87
C SER B 478 -23.10 -4.98 -35.93
N VAL B 479 -22.11 -5.08 -36.82
CA VAL B 479 -21.27 -6.27 -36.90
C VAL B 479 -20.56 -6.50 -35.57
N LYS B 480 -19.95 -5.43 -35.03
CA LYS B 480 -19.26 -5.57 -33.75
C LYS B 480 -20.22 -5.96 -32.63
N ASN B 481 -21.39 -5.32 -32.58
CA ASN B 481 -22.44 -5.63 -31.62
C ASN B 481 -23.07 -7.00 -31.87
N GLY B 482 -22.76 -7.64 -32.99
CA GLY B 482 -23.35 -8.93 -33.29
C GLY B 482 -24.76 -8.85 -33.82
N THR B 483 -25.12 -7.74 -34.47
CA THR B 483 -26.48 -7.50 -34.92
C THR B 483 -26.58 -7.20 -36.41
N TYR B 484 -25.55 -7.53 -37.20
CA TYR B 484 -25.63 -7.33 -38.64
C TYR B 484 -26.54 -8.36 -39.28
N ASP B 485 -27.44 -7.91 -40.14
CA ASP B 485 -28.41 -8.78 -40.80
C ASP B 485 -28.01 -8.96 -42.26
N TYR B 486 -27.88 -10.22 -42.67
CA TYR B 486 -27.57 -10.52 -44.08
C TYR B 486 -28.58 -9.94 -45.06
N PRO B 487 -29.91 -10.10 -44.86
CA PRO B 487 -30.86 -9.67 -45.91
C PRO B 487 -30.83 -8.18 -46.22
N LYS B 488 -30.62 -7.33 -45.21
CA LYS B 488 -30.64 -5.88 -45.38
C LYS B 488 -29.89 -5.42 -46.63
N TYR B 489 -28.78 -6.08 -46.95
CA TYR B 489 -27.93 -5.69 -48.07
C TYR B 489 -27.75 -6.81 -49.06
N SER B 490 -28.50 -7.92 -48.91
CA SER B 490 -28.18 -9.16 -49.61
C SER B 490 -28.12 -8.95 -51.12
N GLU B 491 -29.21 -8.43 -51.71
CA GLU B 491 -29.19 -8.15 -53.14
C GLU B 491 -28.23 -7.01 -53.46
N GLU B 492 -28.14 -6.03 -52.57
CA GLU B 492 -27.28 -4.88 -52.79
C GLU B 492 -25.85 -5.32 -53.09
N ALA B 493 -25.40 -6.39 -52.43
CA ALA B 493 -24.08 -6.95 -52.67
C ALA B 493 -24.05 -7.72 -53.99
N LYS B 494 -25.08 -8.55 -54.23
CA LYS B 494 -25.14 -9.37 -55.44
C LYS B 494 -24.92 -8.52 -56.68
N LEU B 495 -25.62 -7.39 -56.75
CA LEU B 495 -25.48 -6.46 -57.86
C LEU B 495 -24.00 -6.15 -58.10
N ASN B 496 -23.31 -5.71 -57.06
CA ASN B 496 -21.90 -5.37 -57.21
C ASN B 496 -21.04 -6.60 -57.50
N ARG B 497 -21.46 -7.78 -57.03
CA ARG B 497 -20.79 -9.00 -57.45
C ARG B 497 -20.83 -9.15 -58.96
N GLU B 498 -21.96 -8.76 -59.58
CA GLU B 498 -22.08 -8.77 -61.03
C GLU B 498 -21.17 -7.77 -61.72
N GLU B 499 -20.55 -6.86 -60.97
CA GLU B 499 -19.50 -6.01 -61.51
C GLU B 499 -18.12 -6.66 -61.41
N ILE B 500 -17.94 -7.61 -60.50
CA ILE B 500 -16.73 -8.43 -60.47
C ILE B 500 -16.86 -9.64 -61.40
N ASP B 501 -18.10 -10.10 -61.63
CA ASP B 501 -18.33 -11.20 -62.55
C ASP B 501 -17.90 -10.82 -63.97
N SER B 502 -18.47 -9.73 -64.50
CA SER B 502 -18.12 -9.28 -65.85
C SER B 502 -16.76 -8.59 -65.87
N GLN C 1 5.15 11.93 -16.20
CA GLN C 1 4.69 13.27 -15.82
C GLN C 1 3.70 13.85 -16.81
N VAL C 2 2.49 13.29 -16.82
CA VAL C 2 1.41 13.80 -17.66
C VAL C 2 0.59 14.80 -16.85
N GLN C 3 0.25 15.92 -17.48
CA GLN C 3 -0.54 16.98 -16.86
C GLN C 3 -1.76 17.27 -17.70
N LEU C 4 -2.92 17.35 -17.04
CA LEU C 4 -4.19 17.68 -17.67
C LEU C 4 -4.72 18.94 -17.00
N GLN C 5 -5.20 19.90 -17.80
CA GLN C 5 -5.80 21.08 -17.18
C GLN C 5 -6.94 21.61 -18.03
N GLU C 6 -8.05 21.93 -17.39
CA GLU C 6 -9.28 22.30 -18.08
C GLU C 6 -9.42 23.83 -18.13
N SER C 7 -10.07 24.29 -19.20
CA SER C 7 -10.41 25.68 -19.41
C SER C 7 -11.90 25.77 -19.74
N GLY C 8 -12.61 26.62 -19.00
CA GLY C 8 -14.04 26.74 -19.10
C GLY C 8 -14.54 28.13 -18.75
N PRO C 9 -15.63 28.54 -19.42
CA PRO C 9 -16.14 29.91 -19.21
C PRO C 9 -16.70 30.17 -17.83
N GLY C 10 -17.14 29.15 -17.11
CA GLY C 10 -17.73 29.39 -15.81
C GLY C 10 -19.22 29.59 -15.92
N LEU C 11 -19.65 30.34 -16.94
CA LEU C 11 -21.07 30.64 -17.15
C LEU C 11 -21.49 30.25 -18.56
N VAL C 12 -22.67 29.66 -18.67
CA VAL C 12 -23.22 29.33 -20.02
C VAL C 12 -24.72 29.63 -19.98
N LYS C 13 -25.16 30.64 -20.74
CA LYS C 13 -26.60 30.98 -20.81
C LYS C 13 -27.38 29.68 -21.06
N PRO C 14 -28.44 29.36 -20.28
CA PRO C 14 -29.26 28.16 -20.52
C PRO C 14 -29.77 28.09 -21.97
N SER C 15 -30.07 26.88 -22.45
CA SER C 15 -30.60 26.68 -23.84
C SER C 15 -29.52 27.00 -24.87
N GLU C 16 -28.27 27.23 -24.43
CA GLU C 16 -27.16 27.46 -25.38
C GLU C 16 -26.16 26.29 -25.30
N THR C 17 -24.93 26.48 -25.75
CA THR C 17 -23.99 25.36 -25.76
C THR C 17 -22.85 25.60 -24.77
N LEU C 18 -22.27 24.50 -24.30
CA LEU C 18 -21.13 24.51 -23.40
C LEU C 18 -19.89 24.03 -24.16
N SER C 19 -18.85 24.85 -24.16
CA SER C 19 -17.59 24.50 -24.79
C SER C 19 -16.49 24.48 -23.74
N LEU C 20 -15.78 23.37 -23.64
CA LEU C 20 -14.72 23.19 -22.66
C LEU C 20 -13.50 22.60 -23.34
N THR C 21 -12.30 23.03 -22.90
CA THR C 21 -11.07 22.56 -23.52
C THR C 21 -10.07 22.11 -22.47
N CYS C 22 -9.71 20.83 -22.51
CA CYS C 22 -8.68 20.26 -21.64
C CYS C 22 -7.37 20.22 -22.41
N SER C 23 -6.41 21.04 -21.98
CA SER C 23 -5.08 21.05 -22.57
C SER C 23 -4.20 20.02 -21.85
N VAL C 24 -3.43 19.27 -22.64
CA VAL C 24 -2.60 18.18 -22.14
C VAL C 24 -1.15 18.53 -22.39
N SER C 25 -0.32 18.39 -21.35
CA SER C 25 1.12 18.48 -21.48
C SER C 25 1.73 17.17 -21.02
N GLY C 26 2.81 16.75 -21.70
CA GLY C 26 3.47 15.52 -21.33
C GLY C 26 2.95 14.27 -22.00
N ALA C 27 2.17 14.40 -23.07
CA ALA C 27 1.68 13.26 -23.83
C ALA C 27 1.10 13.77 -25.13
N SER C 28 1.23 12.96 -26.18
CA SER C 28 0.63 13.26 -27.46
C SER C 28 -0.84 12.88 -27.42
N ILE C 29 -1.73 13.86 -27.57
CA ILE C 29 -3.15 13.58 -27.62
C ILE C 29 -3.51 12.69 -28.81
N SER C 30 -2.59 12.55 -29.76
CA SER C 30 -2.81 11.63 -30.88
C SER C 30 -2.91 10.18 -30.43
N SER C 31 -2.19 9.81 -29.36
CA SER C 31 -1.95 8.41 -29.03
C SER C 31 -2.63 7.98 -27.73
N TYR C 32 -3.71 8.64 -27.33
CA TYR C 32 -4.44 8.21 -26.15
C TYR C 32 -5.93 8.54 -26.29
N TYR C 33 -6.76 7.71 -25.65
CA TYR C 33 -8.15 8.04 -25.38
C TYR C 33 -8.31 9.01 -24.22
N TRP C 34 -9.30 9.87 -24.34
CA TRP C 34 -9.54 10.92 -23.37
C TRP C 34 -10.99 10.85 -22.92
N ILE C 35 -11.20 11.24 -21.66
CA ILE C 35 -12.47 11.05 -20.97
C ILE C 35 -12.96 12.39 -20.46
N TRP C 36 -14.26 12.64 -20.60
CA TRP C 36 -14.95 13.72 -19.92
C TRP C 36 -15.90 13.14 -18.88
N ILE C 37 -15.85 13.70 -17.65
CA ILE C 37 -16.68 13.29 -16.53
C ILE C 37 -17.23 14.52 -15.81
N ARG C 38 -18.41 14.36 -15.22
CA ARG C 38 -19.20 15.43 -14.63
C ARG C 38 -19.49 15.15 -13.15
N GLN C 39 -19.52 16.21 -12.35
CA GLN C 39 -19.90 16.11 -10.93
C GLN C 39 -20.74 17.32 -10.56
N PRO C 40 -22.06 17.17 -10.49
CA PRO C 40 -22.91 18.27 -10.01
C PRO C 40 -22.83 18.42 -8.49
N ALA C 41 -22.54 19.64 -8.05
CA ALA C 41 -22.56 20.02 -6.63
C ALA C 41 -21.72 19.02 -5.84
N GLY C 42 -22.26 18.42 -4.78
CA GLY C 42 -21.60 17.33 -4.10
C GLY C 42 -22.06 15.96 -4.50
N LYS C 43 -22.99 15.87 -5.44
CA LYS C 43 -23.51 14.59 -5.89
C LYS C 43 -22.41 13.78 -6.59
N GLY C 44 -22.79 12.56 -6.99
CA GLY C 44 -21.83 11.61 -7.52
C GLY C 44 -21.26 12.02 -8.86
N LEU C 45 -20.35 11.17 -9.35
CA LEU C 45 -19.69 11.36 -10.64
C LEU C 45 -20.54 10.78 -11.76
N GLU C 46 -20.46 11.41 -12.92
CA GLU C 46 -21.16 10.93 -14.11
C GLU C 46 -20.19 10.97 -15.29
N TRP C 47 -19.96 9.80 -15.89
CA TRP C 47 -19.05 9.67 -17.01
C TRP C 47 -19.72 10.15 -18.28
N ILE C 48 -19.19 11.23 -18.87
CA ILE C 48 -19.85 11.84 -20.07
C ILE C 48 -19.50 11.07 -21.34
N GLY C 49 -18.21 10.86 -21.62
CA GLY C 49 -17.88 10.18 -22.89
C GLY C 49 -16.42 9.86 -23.09
N ARG C 50 -16.09 9.17 -24.19
CA ARG C 50 -14.69 8.76 -24.49
C ARG C 50 -14.39 9.18 -25.93
N PHE C 51 -13.15 9.57 -26.23
CA PHE C 51 -12.80 9.89 -27.64
C PHE C 51 -11.37 9.50 -27.97
N TYR C 52 -11.07 9.32 -29.26
CA TYR C 52 -9.70 8.97 -29.70
C TYR C 52 -9.53 9.44 -31.15
N THR C 53 -8.44 10.12 -31.44
CA THR C 53 -8.24 10.69 -32.77
C THR C 53 -8.44 9.65 -33.86
N SER C 54 -7.98 8.43 -33.62
CA SER C 54 -8.03 7.35 -34.59
C SER C 54 -8.83 6.17 -34.04
N GLY C 55 -9.97 6.47 -33.43
CA GLY C 55 -10.81 5.44 -32.86
C GLY C 55 -12.21 5.94 -32.57
N SER C 56 -13.23 5.16 -32.93
CA SER C 56 -14.60 5.62 -32.81
C SER C 56 -14.93 5.90 -31.34
N PRO C 57 -15.74 6.95 -31.05
CA PRO C 57 -16.01 7.31 -29.66
C PRO C 57 -17.30 6.72 -29.08
N ASN C 58 -17.42 6.73 -27.75
CA ASN C 58 -18.64 6.23 -27.08
C ASN C 58 -19.08 7.28 -26.07
N TYR C 59 -20.31 7.76 -26.18
CA TYR C 59 -20.81 8.82 -25.27
C TYR C 59 -21.95 8.26 -24.39
N ASN C 60 -22.13 8.83 -23.20
CA ASN C 60 -23.14 8.37 -22.27
C ASN C 60 -24.52 8.60 -22.89
N PRO C 61 -25.38 7.57 -22.95
CA PRO C 61 -26.67 7.73 -23.64
C PRO C 61 -27.54 8.88 -23.14
N SER C 62 -27.46 9.23 -21.85
CA SER C 62 -28.26 10.35 -21.35
C SER C 62 -27.91 11.64 -22.06
N LEU C 63 -26.63 11.82 -22.37
CA LEU C 63 -26.12 13.06 -22.94
C LEU C 63 -25.73 12.93 -24.40
N ARG C 64 -25.87 11.74 -25.00
CA ARG C 64 -25.36 11.48 -26.34
C ARG C 64 -25.81 12.54 -27.35
N SER C 65 -27.11 12.82 -27.38
CA SER C 65 -27.67 13.73 -28.38
C SER C 65 -26.99 15.09 -28.38
N ARG C 66 -26.47 15.52 -27.22
CA ARG C 66 -25.90 16.84 -27.05
C ARG C 66 -24.38 16.88 -27.08
N VAL C 67 -23.72 15.74 -26.84
CA VAL C 67 -22.28 15.71 -26.66
C VAL C 67 -21.60 15.52 -28.01
N THR C 68 -20.55 16.32 -28.25
CA THR C 68 -19.58 16.07 -29.31
C THR C 68 -18.20 16.38 -28.75
N MET C 69 -17.24 15.48 -29.03
CA MET C 69 -15.90 15.55 -28.44
C MET C 69 -14.89 15.54 -29.56
N SER C 70 -14.06 16.57 -29.64
CA SER C 70 -13.06 16.68 -30.69
C SER C 70 -11.66 16.84 -30.09
N VAL C 71 -10.66 16.78 -30.97
CA VAL C 71 -9.25 16.82 -30.59
C VAL C 71 -8.50 17.70 -31.58
N ASP C 72 -7.56 18.50 -31.05
CA ASP C 72 -6.73 19.40 -31.84
C ASP C 72 -5.27 18.99 -31.64
N THR C 73 -4.74 18.20 -32.57
CA THR C 73 -3.36 17.73 -32.47
C THR C 73 -2.34 18.87 -32.52
N SER C 74 -2.72 20.01 -33.11
CA SER C 74 -1.79 21.13 -33.20
C SER C 74 -1.49 21.71 -31.81
N LYS C 75 -2.55 21.94 -31.04
CA LYS C 75 -2.36 22.58 -29.69
C LYS C 75 -2.68 21.57 -28.59
N ASN C 76 -2.80 20.28 -28.94
CA ASN C 76 -3.16 19.24 -27.93
C ASN C 76 -4.35 19.73 -27.11
N GLN C 77 -5.52 19.85 -27.75
CA GLN C 77 -6.73 20.36 -27.04
C GLN C 77 -7.86 19.31 -27.09
N PHE C 78 -8.38 18.91 -25.93
CA PHE C 78 -9.49 17.97 -25.90
C PHE C 78 -10.77 18.77 -25.68
N SER C 79 -11.76 18.59 -26.56
CA SER C 79 -12.92 19.47 -26.55
C SER C 79 -14.17 18.75 -26.08
N LEU C 80 -15.05 19.50 -25.39
CA LEU C 80 -16.35 19.04 -24.96
C LEU C 80 -17.39 20.06 -25.35
N LYS C 81 -18.46 19.61 -26.00
CA LYS C 81 -19.54 20.50 -26.45
C LYS C 81 -20.89 19.92 -26.05
N LEU C 82 -21.60 20.64 -25.19
CA LEU C 82 -22.93 20.25 -24.69
C LEU C 82 -23.98 21.21 -25.27
N THR C 83 -24.71 20.74 -26.27
CA THR C 83 -25.78 21.57 -26.83
C THR C 83 -26.95 21.66 -25.87
N SER C 84 -27.75 22.72 -26.02
CA SER C 84 -28.96 22.89 -25.18
C SER C 84 -28.67 22.56 -23.72
N VAL C 85 -27.83 23.37 -23.07
CA VAL C 85 -27.52 23.16 -21.64
C VAL C 85 -28.77 23.43 -20.80
N THR C 86 -29.02 22.60 -19.80
CA THR C 86 -30.17 22.84 -18.88
C THR C 86 -29.61 23.44 -17.59
N ALA C 87 -30.39 23.44 -16.52
CA ALA C 87 -29.86 23.90 -15.23
C ALA C 87 -29.10 22.74 -14.62
N ALA C 88 -29.57 21.53 -14.90
CA ALA C 88 -28.93 20.33 -14.36
C ALA C 88 -27.47 20.23 -14.79
N ASP C 89 -27.13 20.72 -15.97
CA ASP C 89 -25.77 20.61 -16.49
C ASP C 89 -24.78 21.49 -15.75
N THR C 90 -25.22 22.29 -14.77
CA THR C 90 -24.33 23.01 -13.87
C THR C 90 -23.51 22.02 -13.05
N ALA C 91 -22.19 21.98 -13.22
CA ALA C 91 -21.40 20.96 -12.54
C ALA C 91 -19.92 21.25 -12.70
N VAL C 92 -19.11 20.54 -11.93
CA VAL C 92 -17.67 20.51 -12.14
C VAL C 92 -17.38 19.51 -13.24
N TYR C 93 -16.46 19.86 -14.14
CA TYR C 93 -16.08 18.98 -15.22
C TYR C 93 -14.60 18.62 -15.11
N TYR C 94 -14.32 17.34 -15.38
CA TYR C 94 -12.99 16.76 -15.28
C TYR C 94 -12.65 16.07 -16.60
N CYS C 95 -11.40 16.23 -17.04
CA CYS C 95 -10.85 15.44 -18.13
C CYS C 95 -9.85 14.43 -17.57
N ALA C 96 -9.75 13.28 -18.23
CA ALA C 96 -8.89 12.21 -17.74
C ALA C 96 -8.31 11.42 -18.91
N ARG C 97 -7.25 10.66 -18.63
CA ARG C 97 -6.56 9.86 -19.63
C ARG C 97 -6.96 8.40 -19.51
N GLU C 98 -7.53 7.83 -20.58
CA GLU C 98 -7.75 6.39 -20.67
C GLU C 98 -6.43 5.72 -21.05
N GLU C 99 -5.80 5.07 -20.08
CA GLU C 99 -4.53 4.38 -20.28
C GLU C 99 -4.66 3.29 -21.33
N HIS C 100 -3.52 2.86 -21.86
CA HIS C 100 -3.51 1.70 -22.73
C HIS C 100 -3.95 0.47 -21.93
N ILE C 101 -4.22 -0.60 -22.68
CA ILE C 101 -4.58 -1.86 -22.06
C ILE C 101 -3.47 -2.26 -21.11
N THR C 102 -3.84 -2.73 -19.94
CA THR C 102 -2.94 -3.56 -19.15
C THR C 102 -3.66 -4.87 -18.86
N PHE C 103 -2.94 -5.77 -18.19
CA PHE C 103 -3.55 -7.00 -17.69
C PHE C 103 -4.61 -6.70 -16.63
N GLY C 104 -4.74 -5.44 -16.22
CA GLY C 104 -5.81 -4.89 -15.42
C GLY C 104 -6.85 -4.14 -16.20
N GLY C 105 -6.87 -4.29 -17.52
CA GLY C 105 -7.86 -3.63 -18.32
C GLY C 105 -7.59 -2.15 -18.47
N VAL C 106 -8.64 -1.41 -18.81
CA VAL C 106 -8.57 0.03 -18.97
C VAL C 106 -8.66 0.71 -17.61
N ILE C 107 -7.72 1.63 -17.35
CA ILE C 107 -7.58 2.32 -16.08
C ILE C 107 -7.45 3.81 -16.35
N VAL C 108 -7.93 4.63 -15.42
CA VAL C 108 -7.75 6.08 -15.49
C VAL C 108 -6.98 6.52 -14.25
N ARG C 109 -5.69 6.80 -14.43
CA ARG C 109 -4.82 7.25 -13.36
C ARG C 109 -4.66 8.76 -13.34
N TYR C 110 -4.89 9.42 -14.46
CA TYR C 110 -4.51 10.82 -14.66
C TYR C 110 -5.75 11.64 -14.89
N TRP C 111 -6.03 12.57 -13.97
CA TRP C 111 -7.22 13.37 -13.92
C TRP C 111 -6.84 14.84 -14.07
N GLY C 112 -7.80 15.65 -14.48
CA GLY C 112 -7.62 17.09 -14.49
C GLY C 112 -7.80 17.67 -13.10
N GLN C 113 -7.97 18.99 -13.05
CA GLN C 113 -8.32 19.66 -11.81
C GLN C 113 -9.81 19.97 -11.69
N GLY C 114 -10.51 20.06 -12.81
CA GLY C 114 -11.93 20.36 -12.78
C GLY C 114 -12.23 21.84 -12.94
N THR C 115 -13.23 22.17 -13.75
CA THR C 115 -13.70 23.54 -13.90
C THR C 115 -15.20 23.57 -13.61
N LEU C 116 -15.63 24.54 -12.81
CA LEU C 116 -17.02 24.65 -12.39
C LEU C 116 -17.79 25.47 -13.42
N VAL C 117 -18.72 24.84 -14.12
CA VAL C 117 -19.59 25.53 -15.07
C VAL C 117 -20.94 25.71 -14.41
N THR C 118 -21.29 26.96 -14.10
CA THR C 118 -22.63 27.31 -13.67
C THR C 118 -23.45 27.77 -14.87
N VAL C 119 -24.76 27.55 -14.80
CA VAL C 119 -25.66 27.81 -15.92
C VAL C 119 -26.66 28.85 -15.45
N SER C 120 -26.45 30.10 -15.82
CA SER C 120 -27.27 31.19 -15.34
C SER C 120 -27.37 32.25 -16.43
N SER C 121 -28.47 33.00 -16.48
CA SER C 121 -28.48 34.22 -17.30
C SER C 121 -27.84 35.41 -16.61
N ALA C 122 -27.38 35.24 -15.37
CA ALA C 122 -26.78 36.34 -14.62
C ALA C 122 -25.47 36.76 -15.29
N SER C 123 -24.90 37.83 -14.77
CA SER C 123 -23.74 38.47 -15.38
C SER C 123 -22.52 38.30 -14.50
N THR C 124 -21.40 37.97 -15.13
CA THR C 124 -20.10 37.92 -14.46
C THR C 124 -19.86 39.18 -13.64
N LYS C 125 -19.60 39.00 -12.35
CA LYS C 125 -19.27 40.11 -11.47
C LYS C 125 -18.04 39.76 -10.64
N GLY C 126 -17.10 40.69 -10.60
CA GLY C 126 -15.85 40.51 -9.90
C GLY C 126 -15.97 40.74 -8.41
N PRO C 127 -15.05 40.17 -7.64
CA PRO C 127 -15.15 40.25 -6.19
C PRO C 127 -14.75 41.62 -5.67
N SER C 128 -14.92 41.78 -4.36
CA SER C 128 -14.37 42.93 -3.64
C SER C 128 -13.64 42.38 -2.43
N VAL C 129 -12.33 42.62 -2.37
CA VAL C 129 -11.49 42.10 -1.29
C VAL C 129 -11.30 43.18 -0.23
N PHE C 130 -11.52 42.81 1.02
CA PHE C 130 -11.39 43.69 2.17
C PHE C 130 -10.69 42.91 3.28
N PRO C 131 -9.74 43.52 3.97
CA PRO C 131 -8.93 42.77 4.93
C PRO C 131 -9.64 42.56 6.26
N LEU C 132 -9.17 41.56 7.00
CA LEU C 132 -9.68 41.33 8.37
C LEU C 132 -8.47 41.52 9.26
N ALA C 133 -8.26 42.75 9.74
CA ALA C 133 -7.04 43.06 10.51
C ALA C 133 -6.96 42.25 11.79
N PRO C 134 -5.75 42.00 12.36
CA PRO C 134 -5.66 41.30 13.64
C PRO C 134 -5.78 42.26 14.83
N SER C 135 -6.53 41.88 15.86
CA SER C 135 -6.63 42.71 17.08
C SER C 135 -5.40 42.42 17.96
N SER C 136 -4.23 42.92 17.58
CA SER C 136 -2.98 42.60 18.33
C SER C 136 -3.20 42.83 19.83
N LYS C 137 -4.05 43.79 20.18
CA LYS C 137 -4.33 44.08 21.61
C LYS C 137 -4.76 42.79 22.30
N SER C 138 -5.57 41.97 21.63
CA SER C 138 -6.08 40.71 22.25
C SER C 138 -4.92 39.87 22.78
N THR C 139 -5.02 39.39 24.02
CA THR C 139 -3.97 38.50 24.59
C THR C 139 -3.88 37.23 23.74
N SER C 140 -5.03 36.56 23.52
CA SER C 140 -5.06 35.35 22.64
C SER C 140 -3.75 34.57 22.75
N GLY C 141 -3.36 34.17 23.96
CA GLY C 141 -2.14 33.37 24.13
C GLY C 141 -1.03 33.90 23.25
N GLY C 142 -0.53 33.08 22.32
CA GLY C 142 0.53 33.51 21.40
C GLY C 142 0.08 33.41 19.94
N THR C 143 -1.22 33.29 19.71
CA THR C 143 -1.73 33.12 18.32
C THR C 143 -2.62 34.30 17.95
N ALA C 144 -2.81 34.55 16.66
CA ALA C 144 -3.59 35.70 16.21
C ALA C 144 -4.01 35.43 14.77
N ALA C 145 -5.20 35.87 14.39
CA ALA C 145 -5.80 35.47 13.12
C ALA C 145 -5.91 36.65 12.16
N LEU C 146 -5.74 36.35 10.87
CA LEU C 146 -5.79 37.33 9.78
C LEU C 146 -6.84 36.89 8.79
N GLY C 147 -7.40 37.84 8.04
CA GLY C 147 -8.40 37.42 7.05
C GLY C 147 -8.41 38.24 5.79
N CYS C 148 -9.09 37.71 4.77
CA CYS C 148 -9.34 38.43 3.52
C CYS C 148 -10.75 38.10 3.05
N LEU C 149 -11.70 38.94 3.45
CA LEU C 149 -13.07 38.77 3.00
C LEU C 149 -13.19 39.15 1.53
N VAL C 150 -13.99 38.37 0.82
CA VAL C 150 -14.18 38.49 -0.62
C VAL C 150 -15.68 38.48 -0.86
N LYS C 151 -16.25 39.63 -1.18
CA LYS C 151 -17.74 39.68 -1.28
C LYS C 151 -18.23 40.08 -2.67
N ASP C 152 -19.53 39.92 -2.93
CA ASP C 152 -20.15 40.36 -4.22
C ASP C 152 -19.45 39.76 -5.45
N TYR C 153 -19.42 38.43 -5.58
CA TYR C 153 -18.86 37.82 -6.81
C TYR C 153 -19.91 36.81 -7.32
N PHE C 154 -20.22 36.81 -8.62
CA PHE C 154 -21.31 35.91 -9.07
C PHE C 154 -20.93 34.55 -9.67
N PRO C 155 -19.85 34.38 -10.45
CA PRO C 155 -19.42 33.02 -10.85
C PRO C 155 -18.76 32.42 -9.61
N GLU C 156 -19.30 31.31 -9.10
CA GLU C 156 -18.81 30.73 -7.80
C GLU C 156 -17.29 30.50 -7.78
N PRO C 157 -16.64 29.86 -8.78
CA PRO C 157 -15.20 29.56 -8.69
C PRO C 157 -14.38 30.78 -8.23
N VAL C 158 -13.77 30.70 -7.04
CA VAL C 158 -12.96 31.84 -6.51
C VAL C 158 -11.82 31.16 -5.74
N THR C 159 -10.57 31.50 -6.05
CA THR C 159 -9.39 30.89 -5.44
C THR C 159 -8.66 31.92 -4.58
N VAL C 160 -8.20 31.49 -3.40
CA VAL C 160 -7.52 32.35 -2.45
C VAL C 160 -6.22 31.68 -2.02
N SER C 161 -5.09 32.36 -2.22
CA SER C 161 -3.80 31.85 -1.78
C SER C 161 -3.06 32.95 -1.03
N TRP C 162 -2.35 32.57 0.03
CA TRP C 162 -1.74 33.57 0.91
C TRP C 162 -0.23 33.67 0.64
N ASN C 163 0.25 34.90 0.49
CA ASN C 163 1.66 35.20 0.28
C ASN C 163 2.24 34.38 -0.89
N SER C 164 1.47 34.31 -1.97
CA SER C 164 1.85 33.61 -3.20
C SER C 164 2.37 32.20 -2.89
N GLY C 165 1.51 31.42 -2.25
CA GLY C 165 1.80 30.04 -1.93
C GLY C 165 2.70 29.81 -0.74
N ALA C 166 3.30 30.87 -0.18
CA ALA C 166 4.21 30.68 0.95
C ALA C 166 3.48 30.27 2.21
N LEU C 167 2.28 30.80 2.44
CA LEU C 167 1.46 30.44 3.58
C LEU C 167 0.52 29.31 3.21
N THR C 168 0.64 28.19 3.93
CA THR C 168 -0.21 27.03 3.71
C THR C 168 -0.70 26.36 4.98
N SER C 169 -0.05 26.59 6.13
CA SER C 169 -0.38 25.93 7.39
C SER C 169 -1.16 26.89 8.27
N GLY C 170 -2.38 26.50 8.65
CA GLY C 170 -3.26 27.35 9.41
C GLY C 170 -4.31 28.07 8.57
N VAL C 171 -4.26 27.93 7.25
CA VAL C 171 -5.19 28.64 6.39
C VAL C 171 -6.51 27.87 6.32
N HIS C 172 -7.61 28.56 6.59
CA HIS C 172 -8.96 28.03 6.45
C HIS C 172 -9.68 28.96 5.48
N THR C 173 -9.82 28.54 4.23
CA THR C 173 -10.55 29.30 3.23
C THR C 173 -11.96 28.73 3.16
N PHE C 174 -12.93 29.45 3.72
CA PHE C 174 -14.26 28.93 3.97
C PHE C 174 -15.03 28.72 2.67
N PRO C 175 -16.11 27.96 2.69
CA PRO C 175 -16.93 27.80 1.49
C PRO C 175 -17.80 29.02 1.23
N ALA C 176 -18.29 29.08 -0.01
CA ALA C 176 -19.06 30.24 -0.44
C ALA C 176 -20.41 30.29 0.27
N VAL C 177 -20.91 31.51 0.44
CA VAL C 177 -22.23 31.76 0.99
C VAL C 177 -23.00 32.60 -0.02
N LEU C 178 -24.16 32.11 -0.43
CA LEU C 178 -24.99 32.84 -1.40
C LEU C 178 -25.85 33.85 -0.65
N GLN C 179 -25.61 35.13 -0.90
CA GLN C 179 -26.31 36.19 -0.20
C GLN C 179 -27.66 36.47 -0.87
N SER C 180 -28.48 37.25 -0.18
CA SER C 180 -29.78 37.63 -0.72
C SER C 180 -29.65 38.38 -2.04
N SER C 181 -28.53 39.07 -2.26
CA SER C 181 -28.32 39.77 -3.50
C SER C 181 -28.20 38.83 -4.69
N GLY C 182 -27.96 37.55 -4.45
CA GLY C 182 -27.63 36.60 -5.50
C GLY C 182 -26.16 36.50 -5.78
N LEU C 183 -25.30 37.07 -4.92
CA LEU C 183 -23.86 37.10 -5.09
C LEU C 183 -23.21 36.35 -3.93
N TYR C 184 -22.02 35.81 -4.18
CA TYR C 184 -21.34 34.96 -3.21
C TYR C 184 -20.33 35.76 -2.39
N SER C 185 -19.99 35.22 -1.23
CA SER C 185 -19.03 35.86 -0.34
C SER C 185 -18.22 34.79 0.38
N LEU C 186 -16.91 34.83 0.20
CA LEU C 186 -15.98 33.95 0.88
C LEU C 186 -15.25 34.68 1.98
N SER C 187 -14.81 33.92 2.97
CA SER C 187 -13.88 34.38 3.98
C SER C 187 -12.69 33.43 3.99
N SER C 188 -11.48 33.99 3.98
CA SER C 188 -10.27 33.20 4.15
C SER C 188 -9.53 33.71 5.39
N VAL C 189 -9.14 32.78 6.24
CA VAL C 189 -8.57 33.10 7.54
C VAL C 189 -7.24 32.36 7.68
N VAL C 190 -6.32 32.95 8.42
CA VAL C 190 -5.04 32.29 8.72
C VAL C 190 -4.71 32.52 10.20
N THR C 191 -4.50 31.42 10.93
CA THR C 191 -3.96 31.51 12.28
C THR C 191 -2.43 31.59 12.22
N VAL C 192 -1.86 32.51 12.99
CA VAL C 192 -0.46 32.91 12.88
C VAL C 192 0.10 33.10 14.28
N PRO C 193 1.39 32.87 14.47
CA PRO C 193 2.01 33.32 15.72
C PRO C 193 1.90 34.82 15.88
N SER C 194 1.51 35.25 17.09
CA SER C 194 1.37 36.69 17.37
C SER C 194 2.71 37.40 17.24
N SER C 195 3.81 36.66 17.36
CA SER C 195 5.13 37.26 17.30
C SER C 195 5.47 37.71 15.89
N SER C 196 5.21 36.87 14.88
CA SER C 196 5.57 37.18 13.49
C SER C 196 4.71 38.27 12.87
N LEU C 197 3.85 38.95 13.64
CA LEU C 197 3.01 40.00 13.07
C LEU C 197 3.82 41.25 12.73
N GLY C 198 4.82 41.57 13.54
CA GLY C 198 5.56 42.81 13.38
C GLY C 198 6.57 42.80 12.25
N THR C 199 7.27 41.69 12.06
CA THR C 199 8.37 41.65 11.10
C THR C 199 7.96 41.10 9.74
N GLN C 200 6.96 40.22 9.68
CA GLN C 200 6.54 39.63 8.42
C GLN C 200 5.17 40.16 8.02
N THR C 201 5.02 40.45 6.73
CA THR C 201 3.78 40.95 6.17
C THR C 201 2.92 39.81 5.66
N TYR C 202 1.66 40.12 5.35
CA TYR C 202 0.68 39.11 4.98
C TYR C 202 -0.21 39.65 3.86
N ILE C 203 -0.35 38.85 2.80
CA ILE C 203 -1.01 39.28 1.56
C ILE C 203 -1.91 38.14 1.10
N CYS C 204 -2.96 38.50 0.35
CA CYS C 204 -3.90 37.55 -0.22
C CYS C 204 -3.96 37.74 -1.73
N ASN C 205 -3.84 36.63 -2.47
CA ASN C 205 -3.99 36.58 -3.92
C ASN C 205 -5.33 35.92 -4.19
N VAL C 206 -6.27 36.69 -4.72
CA VAL C 206 -7.65 36.24 -4.93
C VAL C 206 -7.95 36.38 -6.41
N ASN C 207 -8.25 35.25 -7.07
CA ASN C 207 -8.28 35.18 -8.55
C ASN C 207 -9.62 34.63 -9.06
N HIS C 208 -10.62 35.51 -9.14
CA HIS C 208 -11.90 35.16 -9.74
C HIS C 208 -11.72 34.96 -11.24
N LYS C 209 -11.56 33.71 -11.67
CA LYS C 209 -11.25 33.45 -13.07
C LYS C 209 -12.31 33.96 -14.05
N PRO C 210 -13.62 33.77 -13.84
CA PRO C 210 -14.57 34.26 -14.86
C PRO C 210 -14.56 35.76 -15.08
N SER C 211 -14.40 36.55 -14.02
CA SER C 211 -14.30 38.00 -14.18
C SER C 211 -12.89 38.47 -14.51
N ASN C 212 -11.91 37.57 -14.45
CA ASN C 212 -10.50 37.90 -14.66
C ASN C 212 -10.05 39.01 -13.73
N THR C 213 -10.38 38.84 -12.45
CA THR C 213 -9.96 39.72 -11.37
C THR C 213 -8.96 39.00 -10.50
N LYS C 214 -7.90 39.71 -10.09
CA LYS C 214 -6.83 39.12 -9.30
C LYS C 214 -6.39 40.11 -8.21
N VAL C 215 -7.33 40.50 -7.36
CA VAL C 215 -7.06 41.48 -6.31
C VAL C 215 -6.16 40.86 -5.25
N ASP C 216 -4.99 41.44 -5.06
CA ASP C 216 -4.06 41.05 -3.98
C ASP C 216 -4.08 42.15 -2.94
N LYS C 217 -4.42 41.80 -1.70
CA LYS C 217 -4.56 42.80 -0.65
C LYS C 217 -3.74 42.46 0.59
N ARG C 218 -3.21 43.50 1.23
CA ARG C 218 -2.41 43.37 2.44
C ARG C 218 -3.28 43.44 3.69
N VAL C 219 -2.81 42.79 4.75
CA VAL C 219 -3.52 42.73 6.02
C VAL C 219 -2.57 43.31 7.06
N GLU C 220 -2.70 44.60 7.35
CA GLU C 220 -1.81 45.30 8.26
C GLU C 220 -2.62 45.77 9.47
N PRO C 221 -2.23 45.40 10.71
CA PRO C 221 -2.88 45.75 11.98
C PRO C 221 -3.45 47.16 12.04
N ASP D 1 -26.85 2.11 -17.71
CA ASP D 1 -27.49 0.80 -17.79
C ASP D 1 -27.35 -0.01 -16.51
N ILE D 2 -26.16 0.03 -15.91
CA ILE D 2 -25.81 -0.85 -14.81
C ILE D 2 -25.63 0.14 -13.67
N GLN D 3 -26.37 -0.08 -12.58
CA GLN D 3 -26.26 0.83 -11.43
C GLN D 3 -25.23 0.34 -10.46
N MET D 4 -24.74 1.23 -9.59
CA MET D 4 -23.72 0.87 -8.61
C MET D 4 -24.20 1.43 -7.27
N THR D 5 -24.60 0.56 -6.36
CA THR D 5 -25.14 1.03 -5.08
C THR D 5 -24.09 0.82 -4.00
N GLN D 6 -23.77 1.87 -3.24
CA GLN D 6 -22.71 1.77 -2.21
C GLN D 6 -23.36 1.77 -0.82
N SER D 7 -22.56 1.50 0.21
CA SER D 7 -23.06 1.52 1.60
C SER D 7 -21.84 1.58 2.52
N PRO D 8 -21.95 2.10 3.77
CA PRO D 8 -22.91 3.14 4.10
C PRO D 8 -22.46 4.50 3.57
N ALA D 9 -23.39 5.28 3.01
CA ALA D 9 -23.02 6.58 2.40
C ALA D 9 -22.62 7.58 3.50
N THR D 10 -22.52 7.11 4.74
CA THR D 10 -22.05 7.99 5.84
C THR D 10 -21.39 7.15 6.94
N LEU D 11 -20.09 7.36 7.16
CA LEU D 11 -19.37 6.63 8.20
C LEU D 11 -18.67 7.61 9.12
N SER D 12 -18.23 7.10 10.27
CA SER D 12 -17.49 7.89 11.24
C SER D 12 -16.83 6.92 12.21
N ALA D 13 -15.51 7.00 12.32
CA ALA D 13 -14.77 6.10 13.18
C ALA D 13 -13.51 6.80 13.67
N SER D 14 -13.12 6.50 14.90
CA SER D 14 -11.90 7.07 15.46
C SER D 14 -10.68 6.46 14.77
N VAL D 15 -9.54 7.15 14.91
CA VAL D 15 -8.32 6.75 14.20
C VAL D 15 -7.87 5.37 14.69
N GLY D 16 -7.56 4.50 13.74
CA GLY D 16 -7.11 3.16 14.04
C GLY D 16 -8.15 2.07 13.80
N ASP D 17 -9.43 2.44 13.72
CA ASP D 17 -10.47 1.47 13.45
C ASP D 17 -10.34 0.89 12.04
N ARG D 18 -10.86 -0.31 11.87
CA ARG D 18 -11.08 -0.85 10.53
C ARG D 18 -12.34 -0.23 9.95
N VAL D 19 -12.31 0.08 8.66
CA VAL D 19 -13.47 0.60 7.96
C VAL D 19 -13.68 -0.24 6.71
N SER D 20 -14.94 -0.52 6.37
CA SER D 20 -15.24 -1.29 5.17
C SER D 20 -16.50 -0.74 4.51
N ILE D 21 -16.41 -0.60 3.19
CA ILE D 21 -17.43 0.03 2.36
C ILE D 21 -17.83 -0.96 1.28
N THR D 22 -19.12 -1.27 1.21
CA THR D 22 -19.63 -2.25 0.26
C THR D 22 -20.19 -1.55 -0.97
N CYS D 23 -20.06 -2.24 -2.10
CA CYS D 23 -20.47 -1.73 -3.40
C CYS D 23 -21.07 -2.89 -4.18
N ARG D 24 -22.36 -2.79 -4.49
CA ARG D 24 -23.09 -3.82 -5.20
C ARG D 24 -23.48 -3.33 -6.59
N ALA D 25 -23.80 -4.29 -7.46
CA ALA D 25 -23.96 -4.04 -8.88
C ALA D 25 -25.24 -4.66 -9.42
N SER D 26 -25.89 -3.94 -10.33
CA SER D 26 -27.06 -4.46 -11.02
C SER D 26 -26.79 -5.77 -11.73
N GLN D 27 -25.60 -5.92 -12.29
CA GLN D 27 -25.22 -7.10 -13.07
C GLN D 27 -23.87 -7.60 -12.56
N SER D 28 -23.40 -8.71 -13.11
CA SER D 28 -22.07 -9.21 -12.76
C SER D 28 -21.00 -8.40 -13.50
N ILE D 29 -19.98 -8.00 -12.75
CA ILE D 29 -18.86 -7.18 -13.30
C ILE D 29 -17.59 -8.02 -13.24
N SER D 30 -17.71 -9.29 -12.83
CA SER D 30 -16.50 -10.14 -12.64
C SER D 30 -15.61 -9.26 -11.78
N SER D 31 -14.35 -9.04 -12.21
CA SER D 31 -13.44 -8.13 -11.46
C SER D 31 -13.07 -6.85 -12.21
N TRP D 32 -14.07 -6.08 -12.61
CA TRP D 32 -13.82 -4.84 -13.39
C TRP D 32 -14.27 -3.64 -12.57
N LEU D 33 -14.04 -3.67 -11.26
CA LEU D 33 -14.41 -2.53 -10.39
C LEU D 33 -13.16 -1.74 -10.04
N ALA D 34 -13.32 -0.46 -9.75
CA ALA D 34 -12.19 0.39 -9.34
C ALA D 34 -12.67 1.32 -8.25
N TRP D 35 -11.79 1.65 -7.31
CA TRP D 35 -12.20 2.51 -6.17
C TRP D 35 -11.44 3.83 -6.24
N TYR D 36 -12.09 4.93 -5.91
CA TYR D 36 -11.46 6.25 -5.93
C TYR D 36 -11.64 6.94 -4.59
N GLN D 37 -10.67 7.78 -4.26
CA GLN D 37 -10.71 8.66 -3.09
C GLN D 37 -10.74 10.10 -3.60
N GLN D 38 -11.88 10.75 -3.42
CA GLN D 38 -12.02 12.17 -3.75
C GLN D 38 -11.94 12.94 -2.43
N LYS D 39 -10.87 13.71 -2.27
CA LYS D 39 -10.67 14.56 -1.10
C LYS D 39 -11.48 15.84 -1.32
N PRO D 40 -11.58 16.72 -0.32
CA PRO D 40 -12.37 17.94 -0.52
C PRO D 40 -11.81 18.82 -1.63
N GLY D 41 -12.66 19.09 -2.62
CA GLY D 41 -12.30 19.97 -3.72
C GLY D 41 -11.08 19.52 -4.50
N LYS D 42 -11.03 18.22 -4.81
CA LYS D 42 -9.91 17.66 -5.56
C LYS D 42 -10.45 16.60 -6.51
N ALA D 43 -9.65 16.29 -7.52
CA ALA D 43 -9.99 15.20 -8.43
C ALA D 43 -9.90 13.88 -7.69
N PRO D 44 -10.64 12.86 -8.15
CA PRO D 44 -10.52 11.54 -7.52
C PRO D 44 -9.14 10.94 -7.73
N LYS D 45 -8.68 10.20 -6.73
CA LYS D 45 -7.42 9.50 -6.79
C LYS D 45 -7.70 8.00 -6.77
N LEU D 46 -7.21 7.30 -7.78
CA LEU D 46 -7.56 5.90 -7.97
C LEU D 46 -6.85 5.04 -6.92
N LEU D 47 -7.64 4.32 -6.13
CA LEU D 47 -7.08 3.51 -5.05
C LEU D 47 -6.82 2.07 -5.50
N ILE D 48 -7.80 1.45 -6.15
CA ILE D 48 -7.80 0.01 -6.39
C ILE D 48 -8.41 -0.28 -7.75
N TYR D 49 -7.78 -1.19 -8.50
CA TYR D 49 -8.30 -1.69 -9.77
C TYR D 49 -8.35 -3.21 -9.81
N LYS D 50 -8.98 -3.77 -10.85
CA LYS D 50 -9.18 -5.24 -10.89
C LYS D 50 -9.91 -5.64 -9.59
N ALA D 51 -10.44 -4.65 -8.86
CA ALA D 51 -11.20 -4.91 -7.61
C ALA D 51 -10.31 -5.36 -6.43
N SER D 52 -9.00 -5.55 -6.68
CA SER D 52 -8.06 -5.95 -5.60
C SER D 52 -6.65 -5.38 -5.79
N SER D 53 -6.34 -4.72 -6.85
CA SER D 53 -4.96 -4.42 -7.29
C SER D 53 -4.77 -3.01 -6.74
N LEU D 54 -3.90 -2.84 -5.73
CA LEU D 54 -3.61 -1.51 -5.24
C LEU D 54 -2.69 -0.77 -6.22
N GLU D 55 -3.06 0.45 -6.56
CA GLU D 55 -2.17 1.27 -7.37
C GLU D 55 -0.95 1.68 -6.56
N SER D 56 0.18 1.85 -7.26
CA SER D 56 1.42 2.28 -6.60
C SER D 56 1.20 3.58 -5.85
N GLY D 57 1.82 3.70 -4.69
CA GLY D 57 1.71 4.91 -3.90
C GLY D 57 0.50 4.98 -3.00
N VAL D 58 -0.34 3.96 -2.99
CA VAL D 58 -1.46 3.86 -2.06
C VAL D 58 -1.00 3.05 -0.85
N PRO D 59 -1.21 3.53 0.38
CA PRO D 59 -0.72 2.81 1.56
C PRO D 59 -1.18 1.36 1.74
N SER D 60 -0.37 0.60 2.48
CA SER D 60 -0.67 -0.81 2.72
C SER D 60 -2.08 -1.08 3.28
N ARG D 61 -2.56 -0.14 4.11
CA ARG D 61 -3.86 -0.27 4.73
C ARG D 61 -5.13 -0.33 3.88
N PHE D 62 -5.10 0.17 2.65
CA PHE D 62 -6.23 0.01 1.74
C PHE D 62 -6.20 -1.36 1.10
N SER D 63 -7.37 -1.97 0.94
CA SER D 63 -7.44 -3.33 0.41
C SER D 63 -8.84 -3.58 -0.16
N GLY D 64 -8.90 -4.04 -1.40
CA GLY D 64 -10.18 -4.23 -2.07
C GLY D 64 -10.42 -5.72 -2.31
N SER D 65 -11.67 -6.14 -2.13
CA SER D 65 -12.04 -7.53 -2.29
C SER D 65 -13.35 -7.63 -3.03
N GLY D 66 -13.64 -8.84 -3.52
CA GLY D 66 -14.92 -9.14 -4.13
C GLY D 66 -14.83 -9.54 -5.58
N SER D 67 -15.85 -10.26 -6.04
CA SER D 67 -16.01 -10.62 -7.45
C SER D 67 -17.50 -10.66 -7.77
N GLY D 68 -17.81 -10.55 -9.06
CA GLY D 68 -19.18 -10.67 -9.52
C GLY D 68 -20.07 -9.48 -9.26
N SER D 69 -20.78 -9.49 -8.13
CA SER D 69 -21.80 -8.48 -7.85
C SER D 69 -21.58 -7.67 -6.59
N GLU D 70 -20.79 -8.15 -5.62
CA GLU D 70 -20.53 -7.42 -4.38
C GLU D 70 -19.04 -7.27 -4.15
N PHE D 71 -18.63 -6.10 -3.67
CA PHE D 71 -17.23 -5.75 -3.51
C PHE D 71 -17.06 -4.88 -2.27
N THR D 72 -15.84 -4.86 -1.73
CA THR D 72 -15.60 -4.22 -0.44
C THR D 72 -14.23 -3.55 -0.41
N LEU D 73 -14.24 -2.25 -0.12
CA LEU D 73 -13.04 -1.49 0.19
C LEU D 73 -12.81 -1.50 1.70
N THR D 74 -11.58 -1.79 2.12
CA THR D 74 -11.32 -1.92 3.57
C THR D 74 -10.09 -1.12 3.98
N ILE D 75 -10.18 -0.35 5.06
CA ILE D 75 -9.01 0.41 5.57
C ILE D 75 -8.61 -0.21 6.91
N SER D 76 -7.37 -0.72 7.00
CA SER D 76 -6.94 -1.41 8.23
C SER D 76 -6.80 -0.57 9.51
N SER D 77 -6.19 0.61 9.40
CA SER D 77 -6.03 1.49 10.58
C SER D 77 -6.40 2.85 10.01
N LEU D 78 -7.65 3.27 10.18
CA LEU D 78 -8.06 4.53 9.57
C LEU D 78 -7.21 5.67 10.10
N GLN D 79 -6.60 6.43 9.18
CA GLN D 79 -5.75 7.57 9.51
C GLN D 79 -6.47 8.89 9.23
N PRO D 80 -5.96 10.00 9.77
CA PRO D 80 -6.69 11.27 9.60
C PRO D 80 -6.78 11.74 8.16
N ASP D 81 -5.77 11.51 7.34
CA ASP D 81 -5.84 11.96 5.94
C ASP D 81 -6.83 11.15 5.11
N ASP D 82 -7.38 10.06 5.67
CA ASP D 82 -8.34 9.24 4.96
C ASP D 82 -9.74 9.84 4.91
N PHE D 83 -9.98 10.95 5.60
CA PHE D 83 -11.26 11.65 5.47
C PHE D 83 -11.52 11.98 4.02
N ALA D 84 -12.60 11.42 3.45
CA ALA D 84 -12.84 11.69 2.03
C ALA D 84 -14.13 11.02 1.60
N ILE D 85 -14.54 11.33 0.36
CA ILE D 85 -15.62 10.58 -0.27
C ILE D 85 -14.97 9.48 -1.09
N TYR D 86 -15.51 8.28 -0.97
CA TYR D 86 -14.97 7.11 -1.65
C TYR D 86 -15.99 6.62 -2.67
N TYR D 87 -15.54 6.44 -3.90
CA TYR D 87 -16.39 6.07 -5.02
C TYR D 87 -15.97 4.72 -5.59
N CYS D 88 -16.84 4.17 -6.44
CA CYS D 88 -16.77 2.82 -6.97
C CYS D 88 -17.22 2.86 -8.43
N GLN D 89 -16.62 2.01 -9.26
CA GLN D 89 -16.78 2.19 -10.70
C GLN D 89 -16.74 0.88 -11.48
N GLN D 90 -17.66 0.74 -12.44
CA GLN D 90 -17.68 -0.35 -13.42
C GLN D 90 -16.88 0.06 -14.65
N TYR D 91 -15.70 -0.49 -14.83
CA TYR D 91 -15.19 -0.51 -16.20
C TYR D 91 -15.44 -1.85 -16.84
N ASN D 92 -16.63 -2.40 -16.60
CA ASN D 92 -16.99 -3.64 -17.31
C ASN D 92 -17.61 -3.24 -18.64
N SER D 93 -18.77 -2.57 -18.59
CA SER D 93 -19.46 -2.23 -19.86
C SER D 93 -19.82 -0.75 -19.91
N TYR D 94 -19.94 -0.21 -21.11
CA TYR D 94 -20.35 1.20 -21.28
C TYR D 94 -21.88 1.26 -21.24
N PRO D 95 -22.52 2.33 -20.70
CA PRO D 95 -21.79 3.48 -20.20
C PRO D 95 -21.15 3.20 -18.84
N TRP D 96 -20.01 3.82 -18.59
CA TRP D 96 -19.33 3.63 -17.29
C TRP D 96 -20.18 4.27 -16.22
N THR D 97 -20.12 3.74 -15.00
CA THR D 97 -20.99 4.19 -13.94
C THR D 97 -20.21 4.26 -12.63
N PHE D 98 -20.70 5.10 -11.72
CA PHE D 98 -20.08 5.28 -10.42
C PHE D 98 -21.09 5.03 -9.31
N GLY D 99 -20.57 4.75 -8.12
CA GLY D 99 -21.41 4.72 -6.95
C GLY D 99 -21.79 6.11 -6.50
N GLN D 100 -22.76 6.18 -5.59
CA GLN D 100 -23.14 7.47 -5.02
C GLN D 100 -22.09 8.03 -4.08
N GLY D 101 -21.04 7.26 -3.76
CA GLY D 101 -19.99 7.73 -2.89
C GLY D 101 -20.35 7.59 -1.42
N THR D 102 -19.36 7.30 -0.59
CA THR D 102 -19.53 7.24 0.85
C THR D 102 -18.53 8.19 1.52
N LYS D 103 -19.02 9.00 2.45
CA LYS D 103 -18.20 9.99 3.12
C LYS D 103 -17.67 9.40 4.42
N VAL D 104 -16.36 9.12 4.44
CA VAL D 104 -15.70 8.65 5.65
C VAL D 104 -15.15 9.87 6.40
N GLU D 105 -15.69 10.08 7.60
CA GLU D 105 -15.33 11.10 8.57
C GLU D 105 -14.64 10.44 9.75
N ILE D 106 -14.16 11.25 10.70
CA ILE D 106 -13.26 10.78 11.74
C ILE D 106 -13.73 11.28 13.10
N LYS D 107 -13.97 10.35 14.02
CA LYS D 107 -14.24 10.70 15.41
C LYS D 107 -12.96 11.13 16.10
N ARG D 108 -13.06 12.17 16.94
CA ARG D 108 -11.90 12.77 17.56
C ARG D 108 -12.24 13.18 18.98
N THR D 109 -11.19 13.33 19.81
CA THR D 109 -11.31 14.02 21.08
C THR D 109 -12.02 15.36 20.89
N VAL D 110 -12.89 15.70 21.86
CA VAL D 110 -13.59 16.98 21.80
C VAL D 110 -12.56 18.10 21.86
N ALA D 111 -12.76 19.12 21.01
CA ALA D 111 -11.85 20.26 20.93
C ALA D 111 -12.64 21.53 21.14
N ALA D 112 -12.16 22.39 22.05
CA ALA D 112 -12.80 23.69 22.22
C ALA D 112 -12.35 24.65 21.12
N PRO D 113 -13.26 25.44 20.56
CA PRO D 113 -12.87 26.39 19.51
C PRO D 113 -12.04 27.52 20.10
N SER D 114 -11.34 28.23 19.21
CA SER D 114 -10.77 29.53 19.55
C SER D 114 -11.51 30.59 18.75
N VAL D 115 -12.03 31.60 19.46
CA VAL D 115 -12.91 32.60 18.87
C VAL D 115 -12.10 33.84 18.54
N PHE D 116 -12.48 34.50 17.45
CA PHE D 116 -11.86 35.73 17.01
C PHE D 116 -12.96 36.61 16.42
N ILE D 117 -12.87 37.92 16.63
CA ILE D 117 -13.78 38.87 15.98
C ILE D 117 -13.00 39.79 15.08
N PHE D 118 -13.57 40.05 13.90
CA PHE D 118 -13.01 40.94 12.92
C PHE D 118 -14.00 42.07 12.64
N PRO D 119 -13.59 43.31 12.92
CA PRO D 119 -14.44 44.47 12.64
C PRO D 119 -14.51 44.74 11.15
N PRO D 120 -15.51 45.50 10.69
CA PRO D 120 -15.63 45.75 9.26
C PRO D 120 -14.50 46.62 8.74
N SER D 121 -14.15 46.37 7.49
CA SER D 121 -13.06 47.09 6.83
C SER D 121 -13.53 48.49 6.45
N ASP D 122 -12.67 49.48 6.68
CA ASP D 122 -13.03 50.87 6.42
C ASP D 122 -13.33 51.09 4.94
N GLU D 123 -12.62 50.38 4.06
CA GLU D 123 -12.85 50.50 2.63
C GLU D 123 -14.27 50.07 2.29
N GLN D 124 -14.68 48.91 2.81
CA GLN D 124 -16.06 48.46 2.67
C GLN D 124 -17.04 49.46 3.27
N LEU D 125 -16.74 49.97 4.46
CA LEU D 125 -17.58 50.98 5.09
C LEU D 125 -17.81 52.16 4.15
N LYS D 126 -16.76 52.58 3.44
CA LYS D 126 -16.91 53.65 2.47
C LYS D 126 -17.80 53.23 1.32
N SER D 127 -17.70 51.96 0.91
CA SER D 127 -18.60 51.49 -0.15
C SER D 127 -20.06 51.55 0.26
N GLY D 128 -20.36 51.48 1.55
CA GLY D 128 -21.72 51.60 2.03
C GLY D 128 -22.30 50.38 2.74
N THR D 129 -21.47 49.40 3.10
CA THR D 129 -21.92 48.23 3.86
C THR D 129 -20.91 47.98 4.99
N ALA D 130 -21.19 46.96 5.80
CA ALA D 130 -20.32 46.62 6.91
C ALA D 130 -20.56 45.17 7.32
N SER D 131 -19.48 44.48 7.69
CA SER D 131 -19.55 43.07 8.07
C SER D 131 -18.63 42.81 9.25
N VAL D 132 -19.17 42.13 10.25
CA VAL D 132 -18.41 41.67 11.41
C VAL D 132 -18.30 40.15 11.31
N VAL D 133 -17.17 39.59 11.72
CA VAL D 133 -16.98 38.15 11.57
C VAL D 133 -16.50 37.51 12.86
N CYS D 134 -17.23 36.49 13.32
CA CYS D 134 -16.70 35.54 14.30
C CYS D 134 -16.02 34.40 13.56
N LEU D 135 -14.79 34.12 13.96
CA LEU D 135 -14.03 32.95 13.54
C LEU D 135 -13.96 31.99 14.71
N LEU D 136 -14.56 30.82 14.56
CA LEU D 136 -14.38 29.71 15.48
C LEU D 136 -13.35 28.76 14.87
N ASN D 137 -12.19 28.62 15.52
CA ASN D 137 -11.12 27.82 14.87
C ASN D 137 -10.86 26.46 15.50
N ASN D 138 -10.64 25.44 14.67
CA ASN D 138 -10.26 24.09 15.16
C ASN D 138 -11.02 23.36 16.29
N PHE D 139 -12.33 23.18 16.14
CA PHE D 139 -13.12 22.40 17.13
C PHE D 139 -13.69 21.08 16.62
N TYR D 140 -13.70 20.01 17.42
CA TYR D 140 -14.15 18.71 16.85
C TYR D 140 -15.68 18.62 16.77
N PRO D 141 -16.45 18.64 17.88
CA PRO D 141 -17.88 18.46 17.74
C PRO D 141 -18.33 19.56 16.77
N ARG D 142 -18.66 19.21 15.52
CA ARG D 142 -18.98 20.25 14.52
C ARG D 142 -20.11 21.12 15.07
N GLU D 143 -20.94 20.55 15.95
CA GLU D 143 -22.11 21.29 16.47
C GLU D 143 -21.69 22.39 17.43
N ALA D 144 -22.03 23.64 17.12
CA ALA D 144 -21.77 24.78 18.00
C ALA D 144 -22.76 25.87 17.63
N LYS D 145 -23.04 26.78 18.56
CA LYS D 145 -23.98 27.86 18.29
C LYS D 145 -23.33 29.21 18.54
N VAL D 146 -23.53 30.14 17.62
CA VAL D 146 -22.92 31.46 17.68
C VAL D 146 -24.02 32.51 17.60
N GLN D 147 -24.08 33.38 18.61
CA GLN D 147 -25.08 34.43 18.70
C GLN D 147 -24.44 35.80 18.48
N TRP D 148 -25.23 36.71 17.92
CA TRP D 148 -24.77 38.05 17.55
C TRP D 148 -25.47 39.08 18.45
N LYS D 149 -24.74 39.62 19.42
CA LYS D 149 -25.28 40.60 20.36
C LYS D 149 -24.80 41.99 19.98
N VAL D 150 -25.74 42.90 19.72
CA VAL D 150 -25.45 44.25 19.28
C VAL D 150 -25.95 45.19 20.36
N ASP D 151 -25.06 45.61 21.27
CA ASP D 151 -25.45 46.25 22.52
C ASP D 151 -26.44 45.37 23.28
N ASN D 152 -26.05 44.11 23.46
CA ASN D 152 -26.87 43.11 24.17
C ASN D 152 -28.23 42.91 23.51
N ALA D 153 -28.29 43.08 22.19
CA ALA D 153 -29.52 42.90 21.42
C ALA D 153 -29.27 41.81 20.39
N LEU D 154 -29.68 40.58 20.71
CA LEU D 154 -29.61 39.49 19.76
C LEU D 154 -30.36 39.84 18.48
N GLN D 155 -29.76 39.48 17.34
CA GLN D 155 -30.39 39.76 16.02
C GLN D 155 -30.13 38.56 15.10
N SER D 156 -31.09 37.63 15.00
CA SER D 156 -30.89 36.40 14.19
C SER D 156 -30.67 36.76 12.72
N GLY D 157 -31.40 37.76 12.21
CA GLY D 157 -31.30 38.14 10.79
C GLY D 157 -29.97 38.81 10.46
N ASN D 158 -29.63 38.89 9.18
CA ASN D 158 -28.38 39.56 8.73
C ASN D 158 -27.17 38.80 9.28
N SER D 159 -27.24 37.46 9.26
CA SER D 159 -26.13 36.63 9.73
C SER D 159 -26.04 35.36 8.89
N GLN D 160 -24.84 35.03 8.40
CA GLN D 160 -24.66 33.78 7.67
C GLN D 160 -23.43 33.04 8.19
N GLU D 161 -23.58 31.74 8.40
CA GLU D 161 -22.48 30.92 8.87
C GLU D 161 -22.02 29.97 7.79
N SER D 162 -20.72 29.71 7.74
CA SER D 162 -20.19 28.68 6.85
C SER D 162 -19.15 27.85 7.59
N VAL D 163 -19.05 26.58 7.19
CA VAL D 163 -18.29 25.56 7.92
C VAL D 163 -17.20 25.01 7.00
N THR D 164 -16.00 24.85 7.55
CA THR D 164 -14.98 24.10 6.84
C THR D 164 -15.29 22.60 6.90
N GLU D 165 -14.72 21.85 5.96
CA GLU D 165 -14.73 20.40 6.09
C GLU D 165 -13.57 19.98 6.98
N GLN D 166 -13.55 18.69 7.34
CA GLN D 166 -12.56 18.22 8.30
C GLN D 166 -11.14 18.45 7.78
N ASP D 167 -10.29 18.97 8.66
CA ASP D 167 -8.87 19.08 8.35
C ASP D 167 -8.27 17.69 8.22
N SER D 168 -7.27 17.58 7.35
CA SER D 168 -6.63 16.28 7.15
C SER D 168 -5.76 15.90 8.34
N LYS D 169 -5.08 16.89 8.94
CA LYS D 169 -4.24 16.61 10.10
C LYS D 169 -5.06 16.52 11.38
N ASP D 170 -5.81 17.58 11.69
CA ASP D 170 -6.53 17.65 12.96
C ASP D 170 -7.83 16.86 12.95
N SER D 171 -8.47 16.75 11.79
CA SER D 171 -9.86 16.29 11.70
C SER D 171 -10.77 17.18 12.55
N THR D 172 -10.50 18.48 12.53
CA THR D 172 -11.28 19.50 13.24
C THR D 172 -11.98 20.41 12.24
N TYR D 173 -12.72 21.38 12.76
CA TYR D 173 -13.62 22.19 11.97
C TYR D 173 -13.38 23.67 12.27
N SER D 174 -13.96 24.52 11.43
CA SER D 174 -13.94 25.96 11.66
C SER D 174 -15.22 26.56 11.13
N LEU D 175 -15.69 27.60 11.82
CA LEU D 175 -16.90 28.32 11.48
C LEU D 175 -16.61 29.79 11.25
N SER D 176 -17.32 30.37 10.28
CA SER D 176 -17.30 31.82 10.07
C SER D 176 -18.74 32.30 10.15
N SER D 177 -19.03 33.11 11.15
CA SER D 177 -20.33 33.75 11.30
C SER D 177 -20.19 35.21 10.89
N THR D 178 -20.87 35.59 9.81
CA THR D 178 -20.73 36.90 9.20
C THR D 178 -22.03 37.67 9.41
N LEU D 179 -21.96 38.68 10.26
CA LEU D 179 -23.05 39.63 10.49
C LEU D 179 -22.93 40.78 9.50
N THR D 180 -23.89 40.91 8.59
CA THR D 180 -23.84 41.88 7.51
C THR D 180 -24.91 42.94 7.74
N LEU D 181 -24.50 44.10 8.21
CA LEU D 181 -25.41 45.20 8.53
C LEU D 181 -24.90 46.51 7.96
N SER D 182 -25.85 47.38 7.58
CA SER D 182 -25.50 48.72 7.17
C SER D 182 -26.60 49.74 7.45
N LYS D 183 -27.46 49.49 8.44
CA LYS D 183 -28.42 50.48 8.89
C LYS D 183 -27.69 51.51 9.75
N ALA D 184 -27.58 52.74 9.24
CA ALA D 184 -26.59 53.72 9.72
C ALA D 184 -25.20 53.09 9.67
N ASP D 185 -24.94 52.35 8.60
CA ASP D 185 -23.87 51.36 8.59
C ASP D 185 -24.00 50.54 9.87
N TYR D 186 -23.00 50.57 10.74
CA TYR D 186 -23.18 49.90 12.01
C TYR D 186 -23.26 50.97 13.11
N GLU D 187 -23.62 52.19 12.74
CA GLU D 187 -23.92 53.21 13.73
C GLU D 187 -25.17 52.79 14.50
N LYS D 188 -25.52 53.60 15.51
CA LYS D 188 -26.60 53.37 16.48
C LYS D 188 -26.25 52.31 17.51
N HIS D 189 -25.00 51.85 17.52
CA HIS D 189 -24.60 50.72 18.35
C HIS D 189 -23.14 50.89 18.75
N LYS D 190 -22.85 50.65 20.03
CA LYS D 190 -21.48 50.81 20.53
C LYS D 190 -20.67 49.51 20.52
N VAL D 191 -21.27 48.40 20.94
CA VAL D 191 -20.53 47.16 21.12
C VAL D 191 -21.12 46.08 20.24
N TYR D 192 -20.26 45.13 19.84
CA TYR D 192 -20.67 43.93 19.11
C TYR D 192 -20.01 42.72 19.76
N ALA D 193 -20.74 41.61 19.81
CA ALA D 193 -20.25 40.44 20.53
C ALA D 193 -20.72 39.14 19.89
N CYS D 194 -19.82 38.16 19.88
CA CYS D 194 -20.16 36.77 19.59
C CYS D 194 -20.35 36.02 20.89
N GLU D 195 -21.50 35.38 21.03
CA GLU D 195 -21.74 34.40 22.10
C GLU D 195 -21.55 33.02 21.50
N VAL D 196 -20.41 32.40 21.76
CA VAL D 196 -20.06 31.10 21.20
C VAL D 196 -20.30 30.04 22.26
N THR D 197 -21.08 29.02 21.91
CA THR D 197 -21.48 27.96 22.82
C THR D 197 -21.08 26.63 22.22
N HIS D 198 -20.26 25.88 22.95
CA HIS D 198 -19.72 24.61 22.46
C HIS D 198 -19.39 23.73 23.65
N GLN D 199 -19.28 22.42 23.37
CA GLN D 199 -19.08 21.45 24.44
C GLN D 199 -17.74 21.64 25.13
N GLY D 200 -16.70 21.97 24.36
CA GLY D 200 -15.38 22.19 24.93
C GLY D 200 -15.26 23.42 25.80
N LEU D 201 -16.34 24.16 25.99
CA LEU D 201 -16.36 25.37 26.82
C LEU D 201 -17.34 25.14 27.97
N SER D 202 -16.85 25.31 29.20
CA SER D 202 -17.71 25.13 30.37
C SER D 202 -18.90 26.09 30.31
N SER D 203 -18.62 27.38 30.24
CA SER D 203 -19.65 28.38 30.04
C SER D 203 -19.37 29.13 28.74
N PRO D 204 -20.43 29.60 28.04
CA PRO D 204 -20.24 30.27 26.76
C PRO D 204 -19.15 31.32 26.73
N VAL D 205 -18.39 31.37 25.64
CA VAL D 205 -17.35 32.37 25.47
C VAL D 205 -17.89 33.46 24.57
N THR D 206 -18.04 34.66 25.11
CA THR D 206 -18.30 35.81 24.27
C THR D 206 -16.99 36.51 23.98
N LYS D 207 -16.89 37.04 22.78
CA LYS D 207 -15.84 37.99 22.46
C LYS D 207 -16.52 39.26 21.95
N SER D 208 -15.85 40.40 22.09
CA SER D 208 -16.57 41.66 21.74
C SER D 208 -15.66 42.81 21.35
N PHE D 209 -16.15 43.73 20.52
CA PHE D 209 -15.37 44.94 20.15
C PHE D 209 -16.35 46.11 20.16
N ASN D 210 -15.88 47.29 20.57
CA ASN D 210 -16.78 48.48 20.66
C ASN D 210 -16.26 49.59 19.74
N ARG D 211 -15.54 49.21 18.67
CA ARG D 211 -15.02 50.21 17.71
C ARG D 211 -16.16 50.63 16.78
N GLY D 212 -16.85 51.72 17.11
CA GLY D 212 -17.99 52.20 16.30
C GLY D 212 -19.31 51.64 16.81
C1 NAG E . 10.43 -36.88 41.49
C2 NAG E . 8.91 -36.92 41.37
C3 NAG E . 8.43 -37.64 40.10
C4 NAG E . 9.19 -38.93 39.78
C5 NAG E . 10.39 -39.10 40.71
C6 NAG E . 11.36 -40.16 40.23
C7 NAG E . 7.11 -36.99 43.03
C8 NAG E . 6.59 -37.65 44.26
N2 NAG E . 8.27 -37.45 42.55
O3 NAG E . 8.55 -36.73 39.01
O4 NAG E . 8.36 -40.08 39.89
O5 NAG E . 11.11 -37.86 40.74
O6 NAG E . 10.73 -41.05 39.30
O7 NAG E . 6.51 -36.07 42.48
C1 NAG E . 7.11 -39.81 40.54
C2 NAG E . 7.05 -40.55 41.87
C3 NAG E . 5.64 -41.11 42.08
C4 NAG E . 4.59 -40.06 41.72
C5 NAG E . 4.74 -39.69 40.25
C6 NAG E . 4.73 -38.19 40.01
C7 NAG E . 8.77 -41.81 43.06
C8 NAG E . 9.00 -40.62 43.94
N2 NAG E . 8.03 -41.61 41.96
O3 NAG E . 5.53 -41.55 43.43
O4 NAG E . 3.28 -40.59 41.91
O5 NAG E . 6.00 -40.18 39.74
O6 NAG E . 4.56 -37.45 41.20
O7 NAG E . 9.24 -42.91 43.33
C1 BMA E . 2.78 -40.28 43.22
C2 BMA E . 2.70 -38.79 43.46
C3 BMA E . 2.21 -38.49 44.85
C4 BMA E . 0.91 -39.23 45.14
C5 BMA E . 1.10 -40.72 44.87
C6 BMA E . -0.16 -41.51 45.05
O2 BMA E . 1.87 -38.18 42.48
O3 BMA E . 2.00 -37.08 45.00
O4 BMA E . 0.53 -39.05 46.49
O5 BMA E . 1.52 -40.89 43.51
O6 BMA E . -0.01 -42.51 46.06
C1 NAG F . 15.52 -12.90 -29.71
C2 NAG F . 17.01 -12.65 -29.45
C3 NAG F . 17.21 -11.41 -28.57
C4 NAG F . 16.35 -10.24 -29.01
C5 NAG F . 14.90 -10.69 -29.13
C6 NAG F . 13.96 -9.60 -29.59
C7 NAG F . 18.82 -14.25 -29.09
C8 NAG F . 19.26 -14.12 -30.51
N2 NAG F . 17.60 -13.80 -28.81
O3 NAG F . 18.59 -11.06 -28.60
O4 NAG F . 16.44 -9.22 -28.01
O5 NAG F . 14.83 -11.73 -30.12
O6 NAG F . 13.73 -8.65 -28.55
O7 NAG F . 19.54 -14.73 -28.22
C1 NAG F . 16.93 -7.98 -28.57
C2 NAG F . 18.36 -7.65 -28.21
C3 NAG F . 18.66 -6.21 -28.61
C4 NAG F . 18.32 -5.96 -30.07
C5 NAG F . 16.91 -6.47 -30.38
C6 NAG F . 16.59 -6.44 -31.86
C7 NAG F . 19.09 -9.01 -26.32
C8 NAG F . 18.39 -9.55 -25.11
N2 NAG F . 18.63 -7.86 -26.80
O3 NAG F . 20.04 -5.94 -28.36
O4 NAG F . 18.32 -4.55 -30.29
O5 NAG F . 16.79 -7.84 -29.97
O6 NAG F . 17.73 -6.78 -32.65
O7 NAG F . 20.04 -9.60 -26.84
C1 BMA F . 19.43 -4.17 -31.12
C2 BMA F . 18.89 -3.37 -32.29
C3 BMA F . 20.01 -2.81 -33.14
C4 BMA F . 21.00 -2.06 -32.28
C5 BMA F . 21.49 -2.95 -31.15
C6 BMA F . 22.44 -2.25 -30.20
O2 BMA F . 18.03 -2.33 -31.82
O3 BMA F . 19.46 -1.93 -34.13
O4 BMA F . 22.13 -1.65 -33.07
O5 BMA F . 20.37 -3.39 -30.38
O6 BMA F . 22.66 -3.03 -29.03
C1 NAG G . 7.87 -2.09 0.96
C2 NAG G . 7.87 -1.18 2.20
C3 NAG G . 7.27 0.18 1.84
C4 NAG G . 8.07 0.81 0.71
C5 NAG G . 8.20 -0.18 -0.46
C6 NAG G . 9.63 -0.61 -0.72
C7 NAG G . 7.83 -2.51 4.22
C8 NAG G . 8.83 -1.77 5.06
N2 NAG G . 7.18 -1.78 3.32
O3 NAG G . 7.25 1.01 2.99
O4 NAG G . 7.38 1.97 0.25
O5 NAG G . 7.43 -1.37 -0.18
O6 NAG G . 10.53 -0.11 0.27
O7 NAG G . 7.63 -3.71 4.36
#